data_7PUW
#
_entry.id   7PUW
#
_cell.length_a   77.257
_cell.length_b   74.155
_cell.length_c   91.655
_cell.angle_alpha   90.000
_cell.angle_beta   108.750
_cell.angle_gamma   90.000
#
_symmetry.space_group_name_H-M   'P 1 21 1'
#
loop_
_entity.id
_entity.type
_entity.pdbx_description
1 polymer 'Carbonic anhydrase 12'
2 non-polymer 'ZINC ION'
3 non-polymer 'methyl 2-chloranyl-4-(2-phenylethylsulfanyl)-5-sulfamoyl-benzoate'
4 non-polymer 1,2-ETHANEDIOL
5 water water
#
_entity_poly.entity_id   1
_entity_poly.type   'polypeptide(L)'
_entity_poly.pdbx_seq_one_letter_code
;MSKWTYFGPDGENSWSKKYPSCGGLLQSPIDLHSDILQYDASLTPLEFQGYNLSANKQFLLTNNGHSVKLNLPSDMHIQG
LQSRYSATQLHLHWGNPNDPHGSEHTVSGQHFAAELHIVHYNSDLYPDASTASNKSEGLAVLAVLIEMGSFNPSYDKIFS
HLQHVKYKGQEAFVPGFNIEELLPERTAEYYRYRGSLTTPPCNPTVLWTVFRNPVQISQEQLLALETALYCTHMDDPSPR
EMINNFRQVQKFDERLVYTSFSQ
;
_entity_poly.pdbx_strand_id   A,B,C,D
#
loop_
_chem_comp.id
_chem_comp.type
_chem_comp.name
_chem_comp.formula
84I non-polymer 'methyl 2-chloranyl-4-(2-phenylethylsulfanyl)-5-sulfamoyl-benzoate' 'C16 H16 Cl N O4 S2'
EDO non-polymer 1,2-ETHANEDIOL 'C2 H6 O2'
ZN non-polymer 'ZINC ION' 'Zn 2'
#
# COMPACT_ATOMS: atom_id res chain seq x y z
N LYS A 3 22.45 21.19 -16.61
CA LYS A 3 21.05 21.70 -16.63
C LYS A 3 20.36 21.43 -15.30
N TRP A 4 21.15 20.97 -14.29
CA TRP A 4 20.70 20.77 -12.92
C TRP A 4 21.92 20.79 -12.02
N THR A 5 21.70 21.19 -10.77
CA THR A 5 22.78 21.35 -9.79
C THR A 5 22.23 20.96 -8.41
N TYR A 6 23.06 21.05 -7.38
CA TYR A 6 22.63 20.83 -6.00
C TYR A 6 22.50 22.12 -5.21
N PHE A 7 22.53 23.26 -5.92
CA PHE A 7 22.49 24.52 -5.20
C PHE A 7 21.88 25.58 -6.13
N GLY A 8 21.41 26.68 -5.53
CA GLY A 8 20.96 27.86 -6.27
C GLY A 8 19.77 27.48 -7.13
N PRO A 9 19.40 28.29 -8.13
CA PRO A 9 18.10 28.13 -8.79
C PRO A 9 17.85 26.82 -9.52
N ASP A 10 18.90 26.03 -9.80
CA ASP A 10 18.73 24.82 -10.58
C ASP A 10 18.89 23.59 -9.68
N GLY A 11 18.80 23.86 -8.36
CA GLY A 11 18.96 22.84 -7.32
C GLY A 11 17.73 21.95 -7.20
N GLU A 12 17.79 21.06 -6.22
CA GLU A 12 16.91 19.88 -6.18
C GLU A 12 15.41 20.22 -6.12
N ASN A 13 15.01 21.36 -5.56
CA ASN A 13 13.58 21.63 -5.52
C ASN A 13 13.07 21.99 -6.92
N SER A 14 13.97 22.29 -7.88
CA SER A 14 13.60 22.70 -9.23
C SER A 14 13.78 21.55 -10.22
N TRP A 15 14.35 20.40 -9.83
CA TRP A 15 14.57 19.33 -10.79
C TRP A 15 13.29 18.90 -11.48
N SER A 16 12.15 18.93 -10.79
CA SER A 16 10.95 18.35 -11.35
C SER A 16 10.44 19.20 -12.54
N LYS A 17 10.92 20.45 -12.70
CA LYS A 17 10.44 21.25 -13.85
C LYS A 17 10.85 20.54 -15.15
N LYS A 18 12.14 20.14 -15.29
N LYS A 18 12.13 20.16 -15.28
CA LYS A 18 12.61 19.54 -16.52
CA LYS A 18 12.57 19.53 -16.52
C LYS A 18 12.65 18.01 -16.44
C LYS A 18 12.41 18.01 -16.44
N TYR A 19 12.52 17.47 -15.22
CA TYR A 19 12.59 16.03 -15.00
C TYR A 19 11.39 15.64 -14.15
N PRO A 20 10.21 15.37 -14.74
CA PRO A 20 8.99 15.26 -13.98
C PRO A 20 9.04 14.13 -12.95
N SER A 21 9.80 13.04 -13.20
CA SER A 21 9.83 11.94 -12.24
C SER A 21 10.40 12.38 -10.89
N CYS A 22 11.20 13.47 -10.88
CA CYS A 22 11.74 13.96 -9.61
C CYS A 22 10.66 14.45 -8.66
N GLY A 23 9.48 14.69 -9.20
CA GLY A 23 8.30 15.00 -8.37
C GLY A 23 7.28 13.89 -8.26
N GLY A 24 7.63 12.68 -8.71
CA GLY A 24 6.73 11.54 -8.72
C GLY A 24 6.91 10.62 -7.53
N LEU A 25 6.47 9.39 -7.70
CA LEU A 25 6.45 8.42 -6.62
C LEU A 25 7.82 7.74 -6.49
N LEU A 26 7.96 7.05 -5.35
CA LEU A 26 9.05 6.12 -5.06
C LEU A 26 10.41 6.82 -5.04
N GLN A 27 10.45 8.07 -4.66
CA GLN A 27 11.71 8.84 -4.70
C GLN A 27 12.65 8.46 -3.55
N SER A 28 13.96 8.43 -3.93
CA SER A 28 15.06 8.16 -3.02
C SER A 28 15.92 9.42 -2.91
N PRO A 29 16.78 9.61 -1.88
CA PRO A 29 17.04 8.65 -0.81
C PRO A 29 16.00 8.85 0.29
N ILE A 30 16.09 8.02 1.33
CA ILE A 30 15.16 7.98 2.46
C ILE A 30 15.95 7.77 3.75
N ASP A 31 15.27 8.10 4.85
CA ASP A 31 15.78 7.78 6.16
C ASP A 31 15.41 6.34 6.49
N LEU A 32 16.41 5.57 6.85
CA LEU A 32 16.25 4.18 7.27
C LEU A 32 16.09 4.17 8.78
N HIS A 33 14.84 4.19 9.24
CA HIS A 33 14.77 4.23 10.70
C HIS A 33 13.97 3.06 11.22
N SER A 34 14.11 2.80 12.53
CA SER A 34 13.75 1.53 13.13
C SER A 34 12.27 1.19 12.93
N ASP A 35 11.40 2.21 12.93
CA ASP A 35 9.96 2.01 12.89
C ASP A 35 9.50 1.41 11.55
N ILE A 36 10.35 1.53 10.53
CA ILE A 36 9.91 1.11 9.21
C ILE A 36 10.70 -0.11 8.73
N LEU A 37 11.57 -0.63 9.59
CA LEU A 37 12.38 -1.78 9.18
C LEU A 37 11.61 -3.07 9.45
N GLN A 38 11.71 -4.05 8.54
CA GLN A 38 11.13 -5.37 8.76
C GLN A 38 12.04 -6.44 8.19
N TYR A 39 12.46 -7.38 9.03
CA TYR A 39 13.22 -8.52 8.62
C TYR A 39 12.45 -9.31 7.55
N ASP A 40 13.17 -9.75 6.53
CA ASP A 40 12.65 -10.56 5.46
C ASP A 40 13.68 -11.67 5.25
N ALA A 41 13.32 -12.90 5.67
CA ALA A 41 14.20 -14.04 5.51
C ALA A 41 14.45 -14.39 4.04
N SER A 42 13.67 -13.80 3.13
CA SER A 42 13.89 -14.05 1.73
C SER A 42 15.15 -13.34 1.20
N LEU A 43 15.75 -12.47 2.02
CA LEU A 43 16.83 -11.63 1.54
C LEU A 43 18.18 -12.30 1.76
N THR A 44 18.53 -13.11 0.77
CA THR A 44 19.70 -13.96 0.79
C THR A 44 20.94 -13.14 0.35
N PRO A 45 22.18 -13.62 0.57
CA PRO A 45 23.35 -12.83 0.21
C PRO A 45 23.49 -12.67 -1.31
N LEU A 46 23.92 -11.48 -1.73
CA LEU A 46 24.21 -11.30 -3.14
C LEU A 46 25.60 -11.87 -3.41
N GLU A 47 25.85 -12.21 -4.66
CA GLU A 47 27.17 -12.63 -5.11
C GLU A 47 27.71 -11.61 -6.12
N PHE A 48 28.96 -11.19 -5.93
CA PHE A 48 29.54 -10.13 -6.74
C PHE A 48 30.47 -10.77 -7.74
N GLN A 49 30.05 -10.80 -8.99
CA GLN A 49 30.75 -11.61 -9.99
C GLN A 49 31.45 -10.69 -10.96
N GLY A 50 32.69 -11.00 -11.37
CA GLY A 50 33.39 -10.13 -12.27
C GLY A 50 33.80 -8.80 -11.62
N TYR A 51 33.84 -8.73 -10.29
CA TYR A 51 34.24 -7.51 -9.57
C TYR A 51 35.76 -7.35 -9.57
N ASN A 52 36.48 -8.48 -9.75
CA ASN A 52 37.94 -8.41 -9.73
C ASN A 52 38.42 -8.01 -11.12
N LEU A 53 38.45 -6.71 -11.40
CA LEU A 53 38.72 -6.19 -12.72
C LEU A 53 40.18 -6.46 -13.05
N SER A 54 40.37 -6.88 -14.30
CA SER A 54 41.70 -7.20 -14.81
C SER A 54 42.63 -6.03 -14.54
N ALA A 55 43.75 -6.31 -13.87
CA ALA A 55 44.78 -5.31 -13.64
C ALA A 55 45.40 -4.87 -14.95
N ASN A 56 45.10 -5.58 -16.05
CA ASN A 56 45.64 -5.31 -17.37
C ASN A 56 44.66 -4.45 -18.19
N LYS A 57 43.42 -4.26 -17.70
CA LYS A 57 42.54 -3.31 -18.39
C LYS A 57 42.51 -1.97 -17.65
N GLN A 58 42.07 -0.94 -18.35
CA GLN A 58 41.90 0.41 -17.78
C GLN A 58 40.44 0.83 -17.88
N PHE A 59 40.00 1.60 -16.88
CA PHE A 59 38.60 1.97 -16.75
C PHE A 59 38.49 3.48 -16.65
N LEU A 60 37.59 4.09 -17.43
CA LEU A 60 37.48 5.54 -17.58
C LEU A 60 36.85 6.20 -16.34
N LEU A 61 37.59 7.08 -15.71
CA LEU A 61 37.15 7.93 -14.61
C LEU A 61 36.82 9.30 -15.18
N THR A 62 35.63 9.84 -14.89
CA THR A 62 35.26 11.12 -15.47
C THR A 62 34.64 12.00 -14.38
N ASN A 63 35.00 13.27 -14.41
CA ASN A 63 34.21 14.25 -13.68
C ASN A 63 33.11 14.73 -14.60
N ASN A 64 31.84 14.41 -14.28
CA ASN A 64 30.74 14.79 -15.15
C ASN A 64 30.04 16.08 -14.72
N GLY A 65 30.61 16.84 -13.78
CA GLY A 65 29.95 18.06 -13.34
C GLY A 65 29.10 17.82 -12.08
N HIS A 66 28.79 16.54 -11.75
CA HIS A 66 27.90 16.21 -10.64
C HIS A 66 28.57 15.30 -9.63
N SER A 67 29.47 14.40 -10.10
CA SER A 67 30.24 13.51 -9.23
C SER A 67 31.47 13.05 -9.98
N VAL A 68 32.23 12.17 -9.36
CA VAL A 68 33.31 11.50 -10.05
C VAL A 68 32.73 10.11 -10.35
N LYS A 69 32.83 9.68 -11.61
CA LYS A 69 32.22 8.43 -12.09
C LYS A 69 33.31 7.53 -12.68
N LEU A 70 33.31 6.28 -12.26
CA LEU A 70 34.17 5.24 -12.86
C LEU A 70 33.31 4.30 -13.68
N ASN A 71 33.62 4.18 -14.99
CA ASN A 71 32.89 3.29 -15.87
C ASN A 71 33.30 1.86 -15.56
N LEU A 72 32.30 0.96 -15.58
CA LEU A 72 32.56 -0.42 -15.23
C LEU A 72 32.16 -1.30 -16.42
N PRO A 73 32.71 -2.54 -16.53
CA PRO A 73 32.39 -3.37 -17.70
C PRO A 73 31.15 -4.23 -17.48
N SER A 74 30.49 -4.57 -18.58
CA SER A 74 29.23 -5.29 -18.45
C SER A 74 29.38 -6.76 -18.02
N ASP A 75 30.60 -7.33 -18.00
CA ASP A 75 30.71 -8.66 -17.43
C ASP A 75 30.72 -8.66 -15.90
N MET A 76 30.89 -7.48 -15.27
CA MET A 76 30.73 -7.37 -13.82
C MET A 76 29.23 -7.33 -13.48
N HIS A 77 28.83 -8.16 -12.54
CA HIS A 77 27.39 -8.23 -12.30
C HIS A 77 27.09 -8.71 -10.91
N ILE A 78 25.82 -8.53 -10.50
CA ILE A 78 25.25 -9.11 -9.27
C ILE A 78 24.50 -10.38 -9.63
N GLN A 79 24.75 -11.44 -8.84
CA GLN A 79 23.94 -12.64 -8.95
C GLN A 79 23.18 -12.75 -7.63
N GLY A 80 21.96 -13.26 -7.70
CA GLY A 80 21.15 -13.45 -6.49
C GLY A 80 19.80 -12.74 -6.60
N LEU A 81 19.67 -11.78 -7.52
CA LEU A 81 18.39 -11.14 -7.78
C LEU A 81 17.67 -11.99 -8.82
N GLN A 82 16.44 -11.60 -9.16
CA GLN A 82 15.70 -12.50 -10.02
C GLN A 82 16.36 -12.54 -11.40
N SER A 83 16.74 -11.34 -11.86
CA SER A 83 17.48 -11.16 -13.10
C SER A 83 18.93 -10.88 -12.75
N ARG A 84 19.82 -11.09 -13.75
CA ARG A 84 21.18 -10.57 -13.61
C ARG A 84 21.17 -9.07 -13.83
N TYR A 85 21.90 -8.35 -12.92
CA TYR A 85 22.11 -6.92 -13.10
C TYR A 85 23.60 -6.66 -13.29
N SER A 86 23.89 -6.08 -14.46
CA SER A 86 25.29 -5.87 -14.88
C SER A 86 25.71 -4.47 -14.50
N ALA A 87 26.99 -4.29 -14.11
CA ALA A 87 27.47 -2.98 -13.69
C ALA A 87 27.56 -2.05 -14.89
N THR A 88 27.37 -0.76 -14.59
CA THR A 88 27.62 0.28 -15.58
C THR A 88 28.60 1.33 -15.06
N GLN A 89 28.48 1.76 -13.79
CA GLN A 89 29.38 2.80 -13.29
C GLN A 89 29.26 2.87 -11.78
N LEU A 90 30.27 3.41 -11.12
CA LEU A 90 30.20 3.77 -9.72
C LEU A 90 30.55 5.23 -9.52
N HIS A 91 30.06 5.80 -8.43
CA HIS A 91 30.32 7.21 -8.13
C HIS A 91 30.02 7.48 -6.65
N LEU A 92 30.34 8.69 -6.18
CA LEU A 92 30.17 9.00 -4.77
C LEU A 92 29.37 10.29 -4.57
N HIS A 93 28.93 10.46 -3.32
CA HIS A 93 28.23 11.65 -2.85
C HIS A 93 28.85 12.05 -1.54
N TRP A 94 28.99 13.38 -1.32
CA TRP A 94 29.66 13.80 -0.09
C TRP A 94 29.20 15.22 0.27
N GLY A 95 29.67 15.67 1.44
CA GLY A 95 29.26 16.99 1.96
C GLY A 95 30.33 18.05 1.70
N ASN A 96 30.84 18.65 2.80
CA ASN A 96 31.89 19.66 2.62
C ASN A 96 32.67 19.72 3.93
N PRO A 97 33.89 20.31 3.96
CA PRO A 97 34.70 20.24 5.17
C PRO A 97 34.07 20.89 6.40
N ASN A 98 33.22 21.90 6.22
CA ASN A 98 32.55 22.52 7.36
C ASN A 98 31.37 21.70 7.90
N ASP A 99 30.84 20.77 7.10
CA ASP A 99 29.69 19.93 7.48
C ASP A 99 29.84 18.58 6.78
N PRO A 100 30.79 17.75 7.24
CA PRO A 100 31.24 16.58 6.47
C PRO A 100 30.35 15.36 6.64
N HIS A 101 29.10 15.58 6.25
CA HIS A 101 28.04 14.58 6.50
C HIS A 101 27.10 14.50 5.32
N GLY A 102 27.62 13.99 4.23
CA GLY A 102 27.00 14.08 2.92
C GLY A 102 26.55 12.74 2.30
N SER A 103 26.30 11.69 3.08
CA SER A 103 25.56 10.53 2.55
C SER A 103 24.18 10.96 2.08
N GLU A 104 23.66 10.16 1.17
CA GLU A 104 22.28 10.36 0.72
C GLU A 104 21.28 9.67 1.64
N HIS A 105 21.41 8.38 1.81
CA HIS A 105 20.62 7.71 2.85
C HIS A 105 21.08 8.14 4.24
N THR A 106 20.14 8.15 5.17
CA THR A 106 20.44 8.37 6.58
C THR A 106 19.96 7.15 7.35
N VAL A 107 20.50 6.98 8.57
CA VAL A 107 20.14 5.86 9.44
C VAL A 107 19.68 6.45 10.77
N SER A 108 18.41 6.24 11.12
CA SER A 108 17.84 6.85 12.34
C SER A 108 18.12 8.36 12.37
N GLY A 109 18.01 9.01 11.19
CA GLY A 109 18.12 10.45 11.05
C GLY A 109 19.55 10.96 10.87
N GLN A 110 20.56 10.07 10.94
CA GLN A 110 21.95 10.47 10.86
C GLN A 110 22.56 10.27 9.49
N HIS A 111 23.27 11.29 9.02
CA HIS A 111 24.05 11.19 7.81
C HIS A 111 25.39 10.56 8.14
N PHE A 112 25.87 9.76 7.22
CA PHE A 112 27.27 9.36 7.21
C PHE A 112 28.06 10.40 6.40
N ALA A 113 29.39 10.26 6.42
CA ALA A 113 30.26 11.26 5.81
C ALA A 113 30.03 11.30 4.31
N ALA A 114 29.86 10.12 3.71
CA ALA A 114 29.76 10.05 2.26
C ALA A 114 29.08 8.73 1.90
N GLU A 115 28.83 8.58 0.61
CA GLU A 115 28.14 7.34 0.17
C GLU A 115 28.61 6.97 -1.23
N LEU A 116 28.95 5.68 -1.43
CA LEU A 116 29.35 5.11 -2.74
C LEU A 116 28.13 4.39 -3.34
N HIS A 117 27.88 4.63 -4.62
CA HIS A 117 26.86 3.91 -5.39
C HIS A 117 27.49 3.13 -6.51
N ILE A 118 27.16 1.83 -6.58
CA ILE A 118 27.61 1.02 -7.71
C ILE A 118 26.33 0.70 -8.48
N VAL A 119 26.18 1.29 -9.67
CA VAL A 119 24.95 1.25 -10.46
C VAL A 119 25.01 0.06 -11.40
N HIS A 120 23.92 -0.71 -11.43
CA HIS A 120 23.80 -1.87 -12.34
C HIS A 120 22.48 -1.78 -13.08
N TYR A 121 22.40 -2.47 -14.23
CA TYR A 121 21.12 -2.51 -14.96
C TYR A 121 20.74 -3.96 -15.28
N ASN A 122 19.43 -4.15 -15.54
CA ASN A 122 18.91 -5.50 -15.82
C ASN A 122 19.30 -5.89 -17.25
N SER A 123 20.40 -6.66 -17.37
CA SER A 123 20.91 -7.05 -18.67
C SER A 123 20.17 -8.25 -19.24
N ASP A 124 19.40 -8.94 -18.43
CA ASP A 124 18.56 -10.05 -18.94
C ASP A 124 17.40 -9.47 -19.72
N LEU A 125 16.88 -8.32 -19.29
CA LEU A 125 15.69 -7.77 -19.93
C LEU A 125 16.05 -6.71 -20.96
N TYR A 126 17.20 -5.97 -20.81
CA TYR A 126 17.52 -4.76 -21.54
C TYR A 126 18.93 -4.75 -22.07
N PRO A 127 19.20 -4.08 -23.23
CA PRO A 127 20.52 -4.14 -23.85
C PRO A 127 21.62 -3.26 -23.27
N ASP A 128 21.23 -2.23 -22.51
CA ASP A 128 22.21 -1.33 -21.94
C ASP A 128 21.53 -0.48 -20.87
N ALA A 129 22.34 0.23 -20.10
CA ALA A 129 21.81 0.89 -18.92
C ALA A 129 20.90 2.06 -19.32
N SER A 130 21.27 2.75 -20.41
CA SER A 130 20.46 3.84 -20.91
C SER A 130 19.04 3.36 -21.21
N THR A 131 18.88 2.26 -21.95
CA THR A 131 17.57 1.71 -22.22
C THR A 131 16.87 1.26 -20.95
N ALA A 132 17.61 0.60 -20.01
CA ALA A 132 16.96 0.06 -18.82
C ALA A 132 16.44 1.17 -17.89
N SER A 133 17.02 2.34 -17.96
CA SER A 133 16.93 3.29 -16.85
C SER A 133 15.49 3.73 -16.58
N ASN A 134 14.63 3.78 -17.61
CA ASN A 134 13.24 4.19 -17.41
C ASN A 134 12.25 3.04 -17.50
N LYS A 135 12.73 1.81 -17.32
CA LYS A 135 11.90 0.65 -17.51
C LYS A 135 11.75 -0.13 -16.23
N SER A 136 10.71 -0.96 -16.20
CA SER A 136 10.35 -1.77 -15.05
C SER A 136 11.52 -2.71 -14.71
N GLU A 137 11.81 -2.82 -13.42
CA GLU A 137 12.91 -3.67 -12.97
C GLU A 137 14.24 -3.23 -13.61
N GLY A 138 14.42 -1.97 -13.98
CA GLY A 138 15.50 -1.56 -14.85
C GLY A 138 16.86 -1.57 -14.15
N LEU A 139 16.91 -1.12 -12.87
CA LEU A 139 18.20 -0.75 -12.31
C LEU A 139 18.30 -1.36 -10.92
N ALA A 140 19.54 -1.64 -10.49
CA ALA A 140 19.84 -2.03 -9.12
C ALA A 140 21.07 -1.26 -8.69
N VAL A 141 21.03 -0.65 -7.51
CA VAL A 141 22.19 0.10 -7.02
C VAL A 141 22.61 -0.47 -5.68
N LEU A 142 23.92 -0.64 -5.52
CA LEU A 142 24.47 -1.00 -4.23
C LEU A 142 24.95 0.32 -3.60
N ALA A 143 24.65 0.49 -2.33
CA ALA A 143 25.11 1.70 -1.62
C ALA A 143 25.93 1.31 -0.40
N VAL A 144 27.13 1.95 -0.33
CA VAL A 144 28.00 1.76 0.83
C VAL A 144 28.06 3.11 1.56
N LEU A 145 27.77 3.05 2.86
CA LEU A 145 27.93 4.24 3.71
C LEU A 145 29.38 4.36 4.13
N ILE A 146 29.88 5.61 4.13
CA ILE A 146 31.28 5.86 4.41
C ILE A 146 31.38 6.76 5.63
N GLU A 147 32.29 6.38 6.56
CA GLU A 147 32.57 7.22 7.71
C GLU A 147 34.07 7.44 7.84
N MET A 148 34.43 8.46 8.61
CA MET A 148 35.85 8.74 8.79
C MET A 148 36.43 7.74 9.80
N GLY A 149 37.64 7.20 9.54
CA GLY A 149 38.33 6.29 10.45
C GLY A 149 39.74 6.05 9.92
N SER A 150 40.06 4.78 9.78
CA SER A 150 41.39 4.45 9.32
C SER A 150 41.51 4.63 7.81
N PHE A 151 42.71 4.94 7.37
CA PHE A 151 43.08 4.97 5.94
C PHE A 151 42.60 3.70 5.23
N ASN A 152 42.07 3.89 4.02
CA ASN A 152 41.51 2.80 3.23
C ASN A 152 42.25 2.69 1.90
N PRO A 153 43.24 1.75 1.80
CA PRO A 153 43.98 1.61 0.56
C PRO A 153 43.13 1.35 -0.67
N SER A 154 42.01 0.64 -0.48
CA SER A 154 41.24 0.32 -1.67
C SER A 154 40.54 1.55 -2.22
N TYR A 155 39.95 2.36 -1.30
CA TYR A 155 39.37 3.60 -1.79
C TYR A 155 40.42 4.49 -2.45
N ASP A 156 41.68 4.38 -1.98
CA ASP A 156 42.70 5.22 -2.58
C ASP A 156 43.03 4.83 -4.02
N LYS A 157 42.62 3.62 -4.44
CA LYS A 157 42.78 3.21 -5.82
C LYS A 157 41.95 4.12 -6.74
N ILE A 158 40.88 4.70 -6.19
CA ILE A 158 40.14 5.72 -6.92
C ILE A 158 40.67 7.10 -6.55
N PHE A 159 40.79 7.39 -5.26
CA PHE A 159 41.04 8.77 -4.84
C PHE A 159 42.41 9.30 -5.32
N SER A 160 43.35 8.39 -5.64
CA SER A 160 44.67 8.85 -6.07
C SER A 160 44.58 9.44 -7.47
N HIS A 161 43.46 9.22 -8.18
CA HIS A 161 43.29 9.79 -9.50
C HIS A 161 42.47 11.09 -9.51
N LEU A 162 41.92 11.53 -8.35
CA LEU A 162 41.05 12.70 -8.36
C LEU A 162 41.75 13.93 -8.96
N GLN A 163 43.05 14.07 -8.68
CA GLN A 163 43.86 15.17 -9.18
C GLN A 163 43.66 15.34 -10.70
N HIS A 164 43.53 14.22 -11.42
CA HIS A 164 43.49 14.25 -12.87
C HIS A 164 42.11 14.53 -13.43
N VAL A 165 41.10 14.60 -12.54
CA VAL A 165 39.75 14.83 -13.00
C VAL A 165 39.12 15.97 -12.20
N LYS A 166 39.92 17.01 -11.94
CA LYS A 166 39.51 18.15 -11.13
C LYS A 166 38.31 18.88 -11.73
N TYR A 167 38.26 19.03 -13.07
CA TYR A 167 37.26 19.89 -13.69
C TYR A 167 36.31 19.08 -14.57
N LYS A 168 35.13 19.65 -14.78
CA LYS A 168 34.11 19.01 -15.59
C LYS A 168 34.65 18.69 -16.99
N GLY A 169 34.40 17.46 -17.48
CA GLY A 169 34.90 17.08 -18.79
C GLY A 169 36.20 16.27 -18.70
N GLN A 170 36.96 16.44 -17.62
CA GLN A 170 38.24 15.77 -17.56
C GLN A 170 38.06 14.29 -17.27
N GLU A 171 39.06 13.49 -17.70
CA GLU A 171 39.01 12.04 -17.69
C GLU A 171 40.39 11.48 -17.37
N ALA A 172 40.43 10.33 -16.70
CA ALA A 172 41.65 9.62 -16.37
C ALA A 172 41.35 8.15 -16.57
N PHE A 173 42.38 7.32 -16.64
CA PHE A 173 42.21 5.89 -16.72
C PHE A 173 42.73 5.23 -15.45
N VAL A 174 41.91 4.33 -14.88
CA VAL A 174 42.23 3.68 -13.64
C VAL A 174 42.46 2.21 -13.95
N PRO A 175 43.61 1.62 -13.54
CA PRO A 175 43.87 0.19 -13.78
C PRO A 175 42.86 -0.62 -12.98
N GLY A 176 42.42 -1.74 -13.54
CA GLY A 176 41.45 -2.53 -12.84
C GLY A 176 41.99 -2.96 -11.50
N PHE A 177 41.08 -2.97 -10.53
CA PHE A 177 41.28 -3.53 -9.22
C PHE A 177 39.99 -4.21 -8.75
N ASN A 178 40.02 -4.86 -7.60
CA ASN A 178 38.89 -5.66 -7.14
C ASN A 178 37.88 -4.73 -6.45
N ILE A 179 36.81 -4.43 -7.18
CA ILE A 179 35.80 -3.51 -6.66
C ILE A 179 35.14 -4.08 -5.40
N GLU A 180 35.18 -5.39 -5.14
CA GLU A 180 34.64 -5.90 -3.89
C GLU A 180 35.36 -5.31 -2.67
N GLU A 181 36.59 -4.81 -2.88
CA GLU A 181 37.36 -4.25 -1.79
C GLU A 181 36.70 -2.95 -1.25
N LEU A 182 35.76 -2.37 -2.05
CA LEU A 182 35.07 -1.16 -1.60
C LEU A 182 33.87 -1.48 -0.75
N LEU A 183 33.45 -2.75 -0.71
CA LEU A 183 32.29 -3.15 0.07
C LEU A 183 32.67 -3.32 1.53
N PRO A 184 31.72 -3.13 2.43
CA PRO A 184 31.95 -3.27 3.86
C PRO A 184 31.98 -4.72 4.30
N GLU A 185 32.21 -4.85 5.61
CA GLU A 185 32.09 -6.14 6.27
C GLU A 185 30.64 -6.63 6.22
N ARG A 186 30.51 -7.96 6.10
CA ARG A 186 29.24 -8.62 6.27
C ARG A 186 28.21 -8.00 5.33
N THR A 187 28.57 -8.15 4.06
CA THR A 187 27.64 -7.76 2.99
C THR A 187 26.33 -8.55 3.00
N ALA A 188 26.28 -9.69 3.68
CA ALA A 188 24.98 -10.37 3.83
C ALA A 188 23.96 -9.49 4.57
N GLU A 189 24.43 -8.46 5.29
CA GLU A 189 23.57 -7.62 6.12
C GLU A 189 23.24 -6.35 5.35
N TYR A 190 21.97 -6.17 4.94
CA TYR A 190 21.61 -5.01 4.12
C TYR A 190 20.15 -4.62 4.29
N TYR A 191 19.85 -3.37 3.88
CA TYR A 191 18.51 -2.83 3.75
C TYR A 191 18.14 -2.92 2.28
N ARG A 192 16.89 -3.24 2.01
CA ARG A 192 16.42 -3.37 0.63
C ARG A 192 15.06 -2.67 0.46
N TYR A 193 14.93 -1.87 -0.59
CA TYR A 193 13.66 -1.22 -0.87
C TYR A 193 13.64 -0.84 -2.35
N ARG A 194 12.42 -0.63 -2.90
N ARG A 194 12.42 -0.56 -2.86
CA ARG A 194 12.28 -0.12 -4.26
CA ARG A 194 12.22 -0.06 -4.21
C ARG A 194 12.15 1.41 -4.22
C ARG A 194 12.15 1.46 -4.21
N GLY A 195 13.02 2.09 -4.98
CA GLY A 195 13.02 3.54 -5.05
C GLY A 195 13.42 4.06 -6.40
N SER A 196 14.21 5.13 -6.37
CA SER A 196 14.50 5.87 -7.58
C SER A 196 15.98 6.22 -7.70
N LEU A 197 16.35 6.66 -8.90
CA LEU A 197 17.60 7.39 -9.00
C LEU A 197 17.52 8.61 -8.08
N THR A 198 18.65 9.05 -7.52
CA THR A 198 18.69 10.22 -6.66
C THR A 198 19.13 11.48 -7.39
N THR A 199 19.32 11.32 -8.71
CA THR A 199 19.66 12.42 -9.57
C THR A 199 18.72 12.42 -10.77
N PRO A 200 18.52 13.58 -11.42
CA PRO A 200 17.70 13.63 -12.64
C PRO A 200 18.17 12.56 -13.62
N PRO A 201 17.26 11.79 -14.24
CA PRO A 201 15.81 12.07 -14.27
C PRO A 201 14.97 11.46 -13.15
N CYS A 202 15.61 10.89 -12.11
CA CYS A 202 14.91 10.42 -10.90
C CYS A 202 13.94 9.27 -11.19
N ASN A 203 14.30 8.42 -12.18
CA ASN A 203 13.36 7.38 -12.56
C ASN A 203 13.12 6.43 -11.41
N PRO A 204 11.86 6.02 -11.16
CA PRO A 204 11.52 5.16 -10.03
C PRO A 204 11.72 3.69 -10.35
N THR A 205 12.93 3.38 -10.81
CA THR A 205 13.21 2.06 -11.37
C THR A 205 14.38 1.39 -10.70
N VAL A 206 14.68 1.80 -9.43
CA VAL A 206 15.88 1.26 -8.77
C VAL A 206 15.51 0.33 -7.65
N LEU A 207 16.06 -0.88 -7.64
CA LEU A 207 16.08 -1.76 -6.49
C LEU A 207 17.32 -1.40 -5.69
N TRP A 208 17.10 -0.84 -4.51
CA TRP A 208 18.19 -0.40 -3.64
C TRP A 208 18.64 -1.51 -2.72
N THR A 209 19.97 -1.62 -2.56
CA THR A 209 20.58 -2.44 -1.54
C THR A 209 21.55 -1.53 -0.79
N VAL A 210 21.24 -1.22 0.48
CA VAL A 210 22.14 -0.34 1.28
C VAL A 210 22.74 -1.22 2.34
N PHE A 211 24.06 -1.44 2.26
CA PHE A 211 24.68 -2.32 3.25
C PHE A 211 24.56 -1.75 4.65
N ARG A 212 24.34 -2.66 5.61
N ARG A 212 24.34 -2.66 5.61
CA ARG A 212 24.19 -2.25 7.01
CA ARG A 212 24.18 -2.26 7.00
C ARG A 212 25.44 -1.55 7.53
C ARG A 212 25.44 -1.57 7.54
N ASN A 213 26.62 -2.10 7.24
CA ASN A 213 27.84 -1.62 7.89
C ASN A 213 28.51 -0.61 6.99
N PRO A 214 29.05 0.51 7.57
CA PRO A 214 29.86 1.44 6.82
C PRO A 214 31.28 0.94 6.61
N VAL A 215 31.94 1.54 5.65
CA VAL A 215 33.40 1.46 5.54
C VAL A 215 33.99 2.73 6.14
N GLN A 216 35.33 2.73 6.23
N GLN A 216 35.30 2.72 6.46
CA GLN A 216 36.11 3.84 6.75
CA GLN A 216 36.00 3.88 7.01
C GLN A 216 37.10 4.32 5.71
C GLN A 216 37.09 4.30 6.00
N ILE A 217 37.28 5.63 5.75
CA ILE A 217 38.38 6.27 5.03
C ILE A 217 38.99 7.28 5.99
N SER A 218 40.24 7.67 5.73
CA SER A 218 40.84 8.57 6.69
C SER A 218 40.30 9.98 6.55
N GLN A 219 40.59 10.77 7.61
CA GLN A 219 40.27 12.18 7.55
C GLN A 219 40.89 12.86 6.33
N GLU A 220 42.14 12.53 5.92
CA GLU A 220 42.75 13.09 4.75
C GLU A 220 42.05 12.64 3.47
N GLN A 221 41.63 11.35 3.42
CA GLN A 221 40.95 10.91 2.19
C GLN A 221 39.58 11.60 2.04
N LEU A 222 38.88 11.77 3.17
CA LEU A 222 37.57 12.40 3.08
C LEU A 222 37.76 13.86 2.66
N LEU A 223 38.78 14.55 3.22
CA LEU A 223 39.02 15.92 2.84
C LEU A 223 39.41 16.05 1.37
N ALA A 224 40.21 15.10 0.86
CA ALA A 224 40.57 15.11 -0.54
C ALA A 224 39.35 15.00 -1.44
N LEU A 225 38.47 14.05 -1.10
CA LEU A 225 37.24 13.89 -1.88
C LEU A 225 36.40 15.18 -1.88
N GLU A 226 36.31 15.85 -0.71
CA GLU A 226 35.52 17.05 -0.58
C GLU A 226 36.13 18.26 -1.29
N THR A 227 37.44 18.27 -1.49
CA THR A 227 38.13 19.50 -1.91
C THR A 227 38.74 19.37 -3.31
N ALA A 228 38.74 18.17 -3.92
CA ALA A 228 39.57 17.95 -5.10
C ALA A 228 38.85 18.40 -6.36
N LEU A 229 37.51 18.46 -6.33
CA LEU A 229 36.79 18.55 -7.60
C LEU A 229 35.95 19.81 -7.69
N TYR A 230 35.76 20.24 -8.94
CA TYR A 230 34.89 21.34 -9.33
C TYR A 230 33.78 20.83 -10.25
N CYS A 231 32.62 21.52 -10.25
N CYS A 231 32.64 21.52 -10.23
CA CYS A 231 31.49 21.19 -11.09
CA CYS A 231 31.50 21.15 -11.05
C CYS A 231 31.69 21.75 -12.49
C CYS A 231 31.51 21.93 -12.37
N THR A 232 32.53 22.79 -12.53
CA THR A 232 32.65 23.70 -13.67
C THR A 232 33.84 23.29 -14.53
N HIS A 233 33.82 23.73 -15.82
CA HIS A 233 34.94 23.48 -16.72
C HIS A 233 36.16 24.28 -16.28
N MET A 234 37.33 23.79 -16.70
CA MET A 234 38.61 24.38 -16.31
C MET A 234 38.63 25.89 -16.57
N ASP A 235 38.03 26.34 -17.68
CA ASP A 235 38.26 27.72 -18.06
C ASP A 235 37.01 28.54 -17.78
N ASP A 236 36.15 28.03 -16.89
CA ASP A 236 35.02 28.79 -16.39
C ASP A 236 35.55 29.89 -15.48
N PRO A 237 35.22 31.17 -15.78
CA PRO A 237 35.64 32.30 -14.94
C PRO A 237 34.99 32.39 -13.57
N SER A 238 33.97 31.58 -13.31
CA SER A 238 33.34 31.53 -12.00
C SER A 238 33.28 30.09 -11.52
N PRO A 239 34.41 29.53 -11.04
CA PRO A 239 34.45 28.12 -10.66
C PRO A 239 33.50 27.84 -9.50
N ARG A 240 32.91 26.63 -9.48
CA ARG A 240 32.10 26.18 -8.36
C ARG A 240 32.67 24.85 -7.88
N GLU A 241 32.94 24.79 -6.59
CA GLU A 241 33.45 23.57 -5.99
C GLU A 241 32.37 22.48 -6.06
N MET A 242 32.80 21.22 -6.21
CA MET A 242 31.87 20.09 -6.16
C MET A 242 31.79 19.62 -4.72
N ILE A 243 30.76 20.11 -4.00
CA ILE A 243 30.50 19.78 -2.61
C ILE A 243 28.99 19.56 -2.47
N ASN A 244 28.60 18.90 -1.37
CA ASN A 244 27.19 18.81 -0.99
C ASN A 244 26.39 18.24 -2.16
N ASN A 245 26.96 17.22 -2.84
CA ASN A 245 26.34 16.63 -4.02
C ASN A 245 25.47 15.45 -3.60
N PHE A 246 24.58 15.65 -2.65
CA PHE A 246 23.63 14.61 -2.25
C PHE A 246 22.25 15.25 -2.29
N ARG A 247 21.25 14.40 -2.44
CA ARG A 247 19.84 14.84 -2.41
C ARG A 247 19.35 14.76 -0.97
N GLN A 248 18.49 15.70 -0.53
CA GLN A 248 17.78 15.56 0.75
C GLN A 248 16.90 14.32 0.76
N VAL A 249 16.71 13.75 1.93
CA VAL A 249 15.82 12.61 2.07
C VAL A 249 14.37 12.95 1.71
N GLN A 250 13.69 11.95 1.17
CA GLN A 250 12.32 12.12 0.65
C GLN A 250 11.35 11.49 1.66
N LYS A 251 10.11 12.03 1.63
CA LYS A 251 9.07 11.35 2.39
C LYS A 251 8.88 9.91 1.92
N PHE A 252 8.62 9.03 2.90
CA PHE A 252 8.43 7.60 2.62
C PHE A 252 7.30 7.08 3.53
N ASP A 253 6.05 7.12 3.06
CA ASP A 253 4.94 6.89 3.98
C ASP A 253 4.19 5.60 3.63
N GLU A 254 3.78 4.88 4.68
CA GLU A 254 3.05 3.63 4.56
C GLU A 254 3.88 2.64 3.75
N ARG A 255 5.20 2.66 3.96
CA ARG A 255 6.09 1.75 3.27
C ARG A 255 7.14 1.20 4.22
N LEU A 256 7.62 0.00 3.87
CA LEU A 256 8.62 -0.62 4.71
C LEU A 256 9.96 -0.62 3.99
N VAL A 257 11.00 -0.73 4.80
CA VAL A 257 12.29 -1.13 4.26
C VAL A 257 12.57 -2.52 4.82
N TYR A 258 12.92 -3.43 3.94
CA TYR A 258 13.16 -4.79 4.36
C TYR A 258 14.61 -4.93 4.75
N THR A 259 14.88 -5.79 5.73
CA THR A 259 16.26 -6.01 6.19
C THR A 259 16.61 -7.49 6.12
N SER A 260 17.85 -7.79 5.78
CA SER A 260 18.28 -9.18 5.75
C SER A 260 18.74 -9.62 7.11
N PHE A 261 18.70 -8.73 8.08
CA PHE A 261 19.17 -9.02 9.42
C PHE A 261 18.02 -8.69 10.35
N SER A 262 18.01 -9.40 11.48
CA SER A 262 17.05 -9.01 12.51
C SER A 262 17.84 -8.42 13.68
N GLN A 263 18.72 -9.25 14.25
CA GLN A 263 19.43 -8.95 15.49
C GLN A 263 19.75 -7.45 15.58
N LYS B 3 -4.47 24.10 -4.59
CA LYS B 3 -3.69 23.35 -5.60
C LYS B 3 -2.59 22.55 -4.89
N TRP B 4 -1.58 23.27 -4.36
CA TRP B 4 -0.40 22.64 -3.80
C TRP B 4 -0.79 21.74 -2.62
N THR B 5 0.00 20.70 -2.40
CA THR B 5 -0.29 19.70 -1.37
C THR B 5 1.02 19.22 -0.74
N TYR B 6 0.93 18.24 0.15
CA TYR B 6 2.13 17.63 0.69
C TYR B 6 2.32 16.19 0.21
N PHE B 7 1.52 15.74 -0.76
CA PHE B 7 1.60 14.36 -1.20
C PHE B 7 1.11 14.30 -2.63
N GLY B 8 1.86 13.61 -3.48
CA GLY B 8 1.38 13.33 -4.83
C GLY B 8 1.92 14.36 -5.80
N PRO B 9 1.31 14.51 -6.99
CA PRO B 9 1.88 15.31 -8.05
C PRO B 9 2.06 16.79 -7.75
N ASP B 10 1.29 17.30 -6.79
CA ASP B 10 1.36 18.70 -6.43
C ASP B 10 2.09 18.89 -5.09
N GLY B 11 2.82 17.83 -4.70
CA GLY B 11 3.58 17.86 -3.45
C GLY B 11 4.88 18.66 -3.57
N GLU B 12 5.66 18.63 -2.47
CA GLU B 12 6.68 19.65 -2.23
C GLU B 12 7.80 19.72 -3.30
N ASN B 13 8.11 18.58 -3.96
CA ASN B 13 9.15 18.66 -5.01
C ASN B 13 8.67 19.37 -6.27
N SER B 14 7.35 19.61 -6.30
CA SER B 14 6.76 20.32 -7.46
C SER B 14 6.39 21.76 -7.17
N TRP B 15 6.43 22.21 -5.92
CA TRP B 15 5.98 23.57 -5.60
C TRP B 15 6.70 24.60 -6.44
N SER B 16 7.98 24.41 -6.71
CA SER B 16 8.75 25.40 -7.46
C SER B 16 8.23 25.64 -8.90
N LYS B 17 7.43 24.70 -9.42
CA LYS B 17 6.88 24.85 -10.78
C LYS B 17 5.96 26.04 -10.80
N LYS B 18 5.19 26.30 -9.70
CA LYS B 18 4.25 27.42 -9.63
C LYS B 18 4.77 28.58 -8.78
N TYR B 19 5.72 28.30 -7.87
CA TYR B 19 6.09 29.25 -6.82
C TYR B 19 7.62 29.32 -6.81
N PRO B 20 8.20 30.14 -7.68
CA PRO B 20 9.63 30.11 -7.88
C PRO B 20 10.47 30.24 -6.61
N SER B 21 9.99 30.98 -5.61
CA SER B 21 10.81 31.12 -4.41
C SER B 21 11.03 29.78 -3.71
N CYS B 22 10.11 28.82 -3.87
CA CYS B 22 10.25 27.48 -3.29
C CYS B 22 11.52 26.80 -3.76
N GLY B 23 12.07 27.21 -4.93
CA GLY B 23 13.33 26.69 -5.44
C GLY B 23 14.48 27.67 -5.30
N GLY B 24 14.28 28.73 -4.51
CA GLY B 24 15.32 29.75 -4.39
C GLY B 24 16.13 29.55 -3.11
N LEU B 25 16.76 30.64 -2.72
CA LEU B 25 17.65 30.56 -1.58
C LEU B 25 16.88 30.75 -0.26
N LEU B 26 17.60 30.48 0.82
CA LEU B 26 17.19 30.79 2.17
C LEU B 26 15.94 29.99 2.57
N GLN B 27 15.80 28.75 2.10
CA GLN B 27 14.59 27.99 2.41
C GLN B 27 14.62 27.36 3.80
N SER B 28 13.41 27.25 4.33
CA SER B 28 13.11 26.60 5.59
C SER B 28 12.19 25.42 5.35
N PRO B 29 12.09 24.44 6.25
CA PRO B 29 12.83 24.34 7.52
C PRO B 29 14.19 23.71 7.29
N ILE B 30 14.91 23.58 8.41
CA ILE B 30 16.28 23.02 8.39
C ILE B 30 16.46 22.08 9.59
N ASP B 31 17.50 21.24 9.45
CA ASP B 31 17.97 20.39 10.53
C ASP B 31 18.95 21.17 11.40
N LEU B 32 18.62 21.27 12.68
CA LEU B 32 19.49 21.95 13.63
C LEU B 32 20.50 20.96 14.17
N HIS B 33 21.77 21.11 13.78
CA HIS B 33 22.79 20.16 14.22
C HIS B 33 24.09 20.93 14.44
N SER B 34 25.00 20.25 15.20
CA SER B 34 26.14 20.96 15.80
C SER B 34 27.00 21.69 14.78
N ASP B 35 27.20 21.14 13.57
CA ASP B 35 28.21 21.71 12.68
C ASP B 35 27.83 23.10 12.19
N ILE B 36 26.53 23.43 12.30
CA ILE B 36 26.08 24.69 11.74
C ILE B 36 25.61 25.66 12.83
N LEU B 37 25.75 25.29 14.09
CA LEU B 37 25.36 26.13 15.24
C LEU B 37 26.51 27.04 15.66
N GLN B 38 26.18 28.27 16.08
CA GLN B 38 27.21 29.13 16.65
C GLN B 38 26.58 30.03 17.70
N TYR B 39 27.11 29.98 18.92
CA TYR B 39 26.64 30.85 19.99
C TYR B 39 26.83 32.31 19.63
N ASP B 40 25.78 33.08 19.93
CA ASP B 40 25.81 34.51 19.71
C ASP B 40 25.31 35.18 20.97
N ALA B 41 26.18 35.81 21.75
CA ALA B 41 25.84 36.43 23.01
C ALA B 41 24.93 37.66 22.86
N SER B 42 24.82 38.18 21.61
N SER B 42 24.80 38.17 21.63
CA SER B 42 23.92 39.30 21.34
CA SER B 42 23.89 39.32 21.45
C SER B 42 22.44 38.90 21.22
C SER B 42 22.43 38.91 21.27
N LEU B 43 22.14 37.61 21.28
CA LEU B 43 20.76 37.13 21.21
C LEU B 43 20.13 37.18 22.58
N THR B 44 19.59 38.37 22.85
CA THR B 44 18.97 38.68 24.13
C THR B 44 17.54 38.18 24.17
N PRO B 45 16.91 38.11 25.35
CA PRO B 45 15.58 37.54 25.44
C PRO B 45 14.49 38.34 24.72
N LEU B 46 13.54 37.63 24.11
CA LEU B 46 12.37 38.32 23.57
C LEU B 46 11.39 38.59 24.71
N GLU B 47 10.57 39.63 24.49
CA GLU B 47 9.46 39.87 25.41
C GLU B 47 8.13 39.74 24.65
N PHE B 48 7.23 39.01 25.25
CA PHE B 48 5.93 38.68 24.66
C PHE B 48 4.83 39.60 25.20
N GLN B 49 4.37 40.53 24.34
CA GLN B 49 3.50 41.59 24.84
C GLN B 49 2.09 41.38 24.27
N GLY B 50 1.09 41.49 25.12
CA GLY B 50 -0.29 41.34 24.68
C GLY B 50 -0.62 39.92 24.23
N TYR B 51 0.19 38.95 24.71
CA TYR B 51 -0.11 37.55 24.42
C TYR B 51 -1.31 37.04 25.20
N ASN B 52 -1.63 37.69 26.35
CA ASN B 52 -2.68 37.19 27.24
C ASN B 52 -4.03 37.70 26.72
N LEU B 53 -4.59 37.03 25.73
CA LEU B 53 -5.79 37.55 25.05
C LEU B 53 -6.99 37.37 26.02
N SER B 54 -7.91 38.37 26.00
CA SER B 54 -9.05 38.27 26.90
C SER B 54 -9.91 37.04 26.61
N ALA B 55 -10.28 36.34 27.68
CA ALA B 55 -11.19 35.21 27.59
C ALA B 55 -12.60 35.63 27.23
N ASN B 56 -12.90 36.94 27.32
CA ASN B 56 -14.23 37.39 26.94
C ASN B 56 -14.26 37.77 25.47
N LYS B 57 -13.11 37.82 24.78
CA LYS B 57 -13.09 38.14 23.35
C LYS B 57 -12.93 36.81 22.62
N GLN B 58 -13.23 36.83 21.32
CA GLN B 58 -13.09 35.60 20.55
C GLN B 58 -12.31 35.85 19.27
N PHE B 59 -11.58 34.79 18.87
CA PHE B 59 -10.61 34.87 17.79
C PHE B 59 -10.91 33.79 16.77
N LEU B 60 -10.76 34.15 15.48
CA LEU B 60 -11.21 33.27 14.40
C LEU B 60 -10.21 32.16 14.10
N LEU B 61 -10.72 30.94 14.15
CA LEU B 61 -10.01 29.72 13.79
C LEU B 61 -10.50 29.31 12.42
N THR B 62 -9.58 29.07 11.47
CA THR B 62 -10.01 28.75 10.11
C THR B 62 -9.18 27.56 9.60
N ASN B 63 -9.84 26.61 8.94
CA ASN B 63 -9.17 25.60 8.12
C ASN B 63 -8.96 26.17 6.74
N ASN B 64 -7.68 26.32 6.38
CA ASN B 64 -7.34 27.01 5.13
C ASN B 64 -7.01 26.03 3.99
N GLY B 65 -7.29 24.73 4.22
CA GLY B 65 -6.95 23.71 3.23
C GLY B 65 -5.56 23.12 3.43
N HIS B 66 -4.71 23.74 4.28
CA HIS B 66 -3.33 23.29 4.49
C HIS B 66 -2.93 23.12 5.94
N SER B 67 -3.57 23.87 6.85
CA SER B 67 -3.38 23.77 8.31
C SER B 67 -4.64 24.31 8.97
N VAL B 68 -4.58 24.33 10.29
CA VAL B 68 -5.60 25.09 11.01
C VAL B 68 -4.89 26.34 11.53
N LYS B 69 -5.52 27.49 11.32
CA LYS B 69 -4.90 28.75 11.76
C LYS B 69 -5.83 29.54 12.68
N LEU B 70 -5.24 30.12 13.72
CA LEU B 70 -5.95 31.05 14.60
C LEU B 70 -5.46 32.44 14.29
N ASN B 71 -6.39 33.35 14.00
CA ASN B 71 -6.06 34.77 13.77
C ASN B 71 -5.77 35.46 15.10
N LEU B 72 -4.76 36.31 15.07
CA LEU B 72 -4.32 36.92 16.30
C LEU B 72 -4.39 38.44 16.10
N PRO B 73 -4.55 39.22 17.17
CA PRO B 73 -4.75 40.68 17.02
C PRO B 73 -3.41 41.38 16.92
N SER B 74 -3.37 42.51 16.23
CA SER B 74 -2.11 43.24 16.04
C SER B 74 -1.57 43.90 17.31
N ASP B 75 -2.37 43.99 18.37
CA ASP B 75 -1.83 44.54 19.60
C ASP B 75 -0.88 43.55 20.28
N MET B 76 -0.92 42.27 19.84
CA MET B 76 -0.04 41.24 20.37
C MET B 76 1.27 41.35 19.60
N HIS B 77 2.41 41.43 20.31
CA HIS B 77 3.65 41.65 19.60
C HIS B 77 4.87 41.13 20.33
N ILE B 78 5.95 41.04 19.56
CA ILE B 78 7.23 40.68 20.19
C ILE B 78 8.00 41.98 20.39
N GLN B 79 8.60 42.11 21.58
CA GLN B 79 9.54 43.17 21.92
C GLN B 79 10.95 42.55 22.00
N GLY B 80 11.94 43.18 21.36
CA GLY B 80 13.32 42.71 21.46
C GLY B 80 14.00 42.51 20.12
N LEU B 81 13.24 42.45 19.03
CA LEU B 81 13.81 42.50 17.70
C LEU B 81 14.09 43.95 17.28
N GLN B 82 14.57 44.13 16.05
CA GLN B 82 15.06 45.46 15.71
C GLN B 82 13.91 46.34 15.23
N SER B 83 12.74 45.73 14.98
CA SER B 83 11.48 46.44 14.89
C SER B 83 10.47 45.68 15.72
N ARG B 84 9.35 46.32 16.02
N ARG B 84 9.35 46.32 16.01
CA ARG B 84 8.20 45.63 16.59
CA ARG B 84 8.20 45.63 16.57
C ARG B 84 7.61 44.69 15.52
C ARG B 84 7.64 44.69 15.51
N TYR B 85 7.42 43.44 15.92
CA TYR B 85 6.72 42.49 15.05
C TYR B 85 5.42 42.16 15.73
N SER B 86 4.31 42.41 15.02
CA SER B 86 2.99 42.15 15.58
C SER B 86 2.46 40.80 15.07
N ALA B 87 1.69 40.17 15.94
CA ALA B 87 1.12 38.86 15.58
C ALA B 87 0.13 39.02 14.42
N THR B 88 0.03 37.95 13.63
CA THR B 88 -1.02 37.83 12.63
C THR B 88 -1.79 36.52 12.74
N GLN B 89 -1.07 35.39 12.95
CA GLN B 89 -1.82 34.14 13.11
C GLN B 89 -0.85 33.09 13.66
N LEU B 90 -1.42 32.03 14.22
CA LEU B 90 -0.62 30.83 14.55
C LEU B 90 -1.25 29.64 13.87
N HIS B 91 -0.44 28.58 13.67
CA HIS B 91 -0.92 27.35 13.02
C HIS B 91 0.04 26.22 13.39
N LEU B 92 -0.31 25.02 12.96
CA LEU B 92 0.50 23.85 13.32
C LEU B 92 0.87 23.03 12.08
N HIS B 93 1.86 22.15 12.31
CA HIS B 93 2.26 21.10 11.34
C HIS B 93 2.35 19.81 12.10
N TRP B 94 1.97 18.70 11.48
CA TRP B 94 1.92 17.39 12.16
C TRP B 94 2.02 16.27 11.14
N GLY B 95 2.06 15.06 11.72
CA GLY B 95 2.27 13.82 10.97
C GLY B 95 0.94 13.11 10.71
N ASN B 96 0.84 11.87 11.15
CA ASN B 96 -0.39 11.11 10.94
C ASN B 96 -0.55 10.11 12.05
N PRO B 97 -1.74 9.45 12.19
CA PRO B 97 -1.96 8.59 13.33
C PRO B 97 -0.98 7.44 13.54
N ASN B 98 -0.44 6.92 12.43
CA ASN B 98 0.47 5.79 12.50
C ASN B 98 1.91 6.24 12.51
N ASP B 99 2.16 7.55 12.35
CA ASP B 99 3.52 8.06 12.41
C ASP B 99 3.46 9.48 12.94
N PRO B 100 3.37 9.69 14.26
CA PRO B 100 3.21 11.03 14.83
C PRO B 100 4.56 11.73 14.94
N HIS B 101 5.16 12.04 13.79
CA HIS B 101 6.48 12.66 13.75
C HIS B 101 6.57 13.69 12.64
N GLY B 102 5.79 14.75 12.78
CA GLY B 102 5.55 15.74 11.75
C GLY B 102 6.05 17.16 12.05
N SER B 103 7.03 17.34 12.94
CA SER B 103 7.65 18.67 13.01
C SER B 103 8.30 19.04 11.70
N GLU B 104 8.48 20.34 11.44
CA GLU B 104 9.20 20.81 10.26
C GLU B 104 10.70 20.89 10.53
N HIS B 105 11.09 21.66 11.55
CA HIS B 105 12.50 21.61 11.95
C HIS B 105 12.78 20.28 12.61
N THR B 106 14.04 19.81 12.41
CA THR B 106 14.51 18.61 13.10
C THR B 106 15.70 19.01 13.94
N VAL B 107 16.00 18.15 14.94
CA VAL B 107 17.14 18.46 15.79
C VAL B 107 18.03 17.21 15.78
N SER B 108 19.26 17.45 15.33
CA SER B 108 20.22 16.35 15.17
C SER B 108 19.54 15.18 14.43
N GLY B 109 18.83 15.49 13.33
CA GLY B 109 18.21 14.52 12.44
C GLY B 109 16.85 13.91 12.86
N GLN B 110 16.34 14.32 14.01
CA GLN B 110 15.12 13.71 14.53
C GLN B 110 13.97 14.70 14.48
N HIS B 111 12.84 14.15 14.07
CA HIS B 111 11.57 14.87 14.06
C HIS B 111 10.92 14.83 15.43
N PHE B 112 10.32 15.95 15.81
CA PHE B 112 9.39 15.97 16.92
C PHE B 112 7.98 15.60 16.41
N ALA B 113 7.02 15.45 17.30
CA ALA B 113 5.69 15.01 16.94
C ALA B 113 5.03 16.04 16.05
N ALA B 114 5.20 17.33 16.39
CA ALA B 114 4.46 18.40 15.67
C ALA B 114 5.22 19.70 15.94
N GLU B 115 4.69 20.79 15.36
CA GLU B 115 5.34 22.07 15.51
C GLU B 115 4.29 23.17 15.43
N LEU B 116 4.39 24.15 16.34
CA LEU B 116 3.56 25.36 16.33
C LEU B 116 4.35 26.52 15.76
N HIS B 117 3.75 27.27 14.82
CA HIS B 117 4.34 28.52 14.35
C HIS B 117 3.45 29.68 14.75
N ILE B 118 4.06 30.71 15.37
CA ILE B 118 3.32 31.95 15.64
C ILE B 118 3.92 33.01 14.75
N VAL B 119 3.14 33.48 13.76
CA VAL B 119 3.63 34.31 12.67
C VAL B 119 3.37 35.76 13.05
N HIS B 120 4.42 36.55 12.91
CA HIS B 120 4.35 38.00 13.15
C HIS B 120 4.90 38.73 11.94
N TYR B 121 4.51 40.02 11.82
CA TYR B 121 5.00 40.83 10.71
C TYR B 121 5.52 42.16 11.27
N ASN B 122 6.43 42.79 10.53
CA ASN B 122 6.99 44.08 10.93
C ASN B 122 5.91 45.19 10.78
N SER B 123 5.25 45.51 11.88
CA SER B 123 4.15 46.48 11.80
C SER B 123 4.68 47.92 11.87
N ASP B 124 5.96 48.08 12.21
CA ASP B 124 6.62 49.38 12.15
C ASP B 124 6.69 49.87 10.70
N LEU B 125 6.87 48.94 9.77
CA LEU B 125 7.18 49.21 8.36
C LEU B 125 6.01 48.94 7.42
N TYR B 126 5.14 47.98 7.79
CA TYR B 126 4.11 47.51 6.89
C TYR B 126 2.75 47.50 7.58
N PRO B 127 1.68 47.77 6.83
CA PRO B 127 0.36 47.85 7.45
C PRO B 127 -0.37 46.52 7.61
N ASP B 128 0.23 45.41 7.11
CA ASP B 128 -0.41 44.11 7.25
C ASP B 128 0.64 43.05 6.89
N ALA B 129 0.39 41.79 7.28
CA ALA B 129 1.32 40.70 7.06
C ALA B 129 1.44 40.36 5.58
N SER B 130 0.35 40.54 4.81
CA SER B 130 0.46 40.22 3.38
C SER B 130 1.49 41.13 2.68
N THR B 131 1.36 42.45 2.88
CA THR B 131 2.35 43.38 2.39
C THR B 131 3.76 43.03 2.84
N ALA B 132 3.93 42.68 4.13
CA ALA B 132 5.22 42.41 4.72
C ALA B 132 5.86 41.13 4.17
N SER B 133 5.04 40.21 3.66
CA SER B 133 5.47 38.83 3.43
C SER B 133 6.48 38.74 2.29
N ASN B 134 6.49 39.75 1.43
CA ASN B 134 7.46 39.66 0.35
C ASN B 134 8.51 40.76 0.49
N LYS B 135 8.85 41.19 1.72
CA LYS B 135 9.87 42.23 1.91
C LYS B 135 10.92 41.79 2.93
N SER B 136 12.14 42.36 2.87
CA SER B 136 13.26 41.78 3.61
C SER B 136 12.99 41.87 5.11
N GLU B 137 13.14 40.73 5.81
CA GLU B 137 12.83 40.59 7.23
C GLU B 137 11.44 41.16 7.58
N GLY B 138 10.49 41.08 6.64
CA GLY B 138 9.09 41.39 6.84
C GLY B 138 8.40 40.54 7.90
N LEU B 139 8.84 39.28 8.10
CA LEU B 139 8.12 38.38 9.00
C LEU B 139 9.09 37.85 10.06
N ALA B 140 8.51 37.57 11.22
CA ALA B 140 9.26 36.87 12.26
C ALA B 140 8.31 35.78 12.72
N VAL B 141 8.82 34.53 12.70
CA VAL B 141 8.02 33.40 13.16
C VAL B 141 8.66 32.78 14.38
N LEU B 142 7.85 32.51 15.42
CA LEU B 142 8.33 31.72 16.54
C LEU B 142 7.91 30.29 16.31
N ALA B 143 8.83 29.35 16.50
CA ALA B 143 8.51 27.93 16.39
C ALA B 143 8.69 27.23 17.71
N VAL B 144 7.64 26.45 18.04
CA VAL B 144 7.67 25.60 19.23
C VAL B 144 7.64 24.14 18.76
N LEU B 145 8.65 23.37 19.14
CA LEU B 145 8.68 21.93 18.88
C LEU B 145 7.77 21.23 19.88
N ILE B 146 6.99 20.26 19.39
CA ILE B 146 6.00 19.58 20.22
C ILE B 146 6.33 18.08 20.27
N GLU B 147 6.41 17.55 21.49
CA GLU B 147 6.67 16.12 21.70
C GLU B 147 5.43 15.46 22.29
N MET B 148 5.30 14.17 22.04
CA MET B 148 4.28 13.39 22.71
C MET B 148 4.61 13.20 24.18
N GLY B 149 3.67 13.63 25.01
CA GLY B 149 3.92 13.60 26.44
C GLY B 149 2.62 13.74 27.22
N SER B 150 2.65 14.61 28.24
CA SER B 150 1.46 14.95 29.02
C SER B 150 0.42 15.75 28.24
N PHE B 151 -0.82 15.49 28.66
CA PHE B 151 -1.93 16.33 28.23
C PHE B 151 -1.60 17.78 28.51
N ASN B 152 -1.98 18.65 27.53
CA ASN B 152 -1.65 20.05 27.62
C ASN B 152 -2.95 20.84 27.55
N PRO B 153 -3.46 21.35 28.69
CA PRO B 153 -4.74 22.06 28.67
C PRO B 153 -4.68 23.32 27.81
N SER B 154 -3.51 23.96 27.70
CA SER B 154 -3.42 25.20 26.95
C SER B 154 -3.60 24.92 25.44
N TYR B 155 -2.89 23.91 24.92
CA TYR B 155 -3.10 23.54 23.51
C TYR B 155 -4.53 23.06 23.28
N ASP B 156 -5.14 22.47 24.31
CA ASP B 156 -6.49 21.99 24.11
C ASP B 156 -7.45 23.16 23.90
N LYS B 157 -7.09 24.39 24.28
CA LYS B 157 -7.97 25.52 24.03
C LYS B 157 -8.10 25.65 22.53
N ILE B 158 -7.11 25.22 21.74
CA ILE B 158 -7.25 25.19 20.27
C ILE B 158 -7.90 23.87 19.86
N PHE B 159 -7.37 22.74 20.34
CA PHE B 159 -7.75 21.44 19.77
C PHE B 159 -9.20 21.12 20.06
N SER B 160 -9.78 21.66 21.11
CA SER B 160 -11.18 21.30 21.40
C SER B 160 -12.11 21.87 20.34
N HIS B 161 -11.65 22.77 19.46
CA HIS B 161 -12.51 23.31 18.43
C HIS B 161 -12.32 22.69 17.04
N LEU B 162 -11.50 21.66 16.91
CA LEU B 162 -11.12 21.19 15.59
C LEU B 162 -12.30 20.55 14.86
N GLN B 163 -13.18 19.85 15.59
CA GLN B 163 -14.31 19.19 14.93
C GLN B 163 -15.27 20.22 14.33
N HIS B 164 -15.00 21.50 14.51
CA HIS B 164 -15.81 22.59 13.98
C HIS B 164 -15.21 23.31 12.78
N VAL B 165 -13.96 22.93 12.43
CA VAL B 165 -13.26 23.49 11.30
C VAL B 165 -12.70 22.29 10.52
N LYS B 166 -13.46 21.19 10.43
CA LYS B 166 -13.01 19.97 9.80
C LYS B 166 -12.68 20.18 8.34
N TYR B 167 -13.39 21.12 7.65
CA TYR B 167 -13.23 21.18 6.22
C TYR B 167 -12.71 22.55 5.77
N LYS B 168 -12.04 22.54 4.59
CA LYS B 168 -11.53 23.77 3.98
C LYS B 168 -12.62 24.83 3.93
N GLY B 169 -12.26 26.01 4.45
CA GLY B 169 -13.12 27.19 4.38
C GLY B 169 -13.93 27.41 5.66
N GLN B 170 -14.00 26.41 6.52
CA GLN B 170 -14.80 26.48 7.74
C GLN B 170 -14.06 27.36 8.76
N GLU B 171 -14.87 28.08 9.53
CA GLU B 171 -14.43 29.03 10.55
C GLU B 171 -15.16 28.77 11.88
N ALA B 172 -14.47 28.98 12.98
CA ALA B 172 -15.03 28.86 14.30
C ALA B 172 -14.40 30.00 15.12
N PHE B 173 -14.99 30.27 16.28
CA PHE B 173 -14.50 31.23 17.26
C PHE B 173 -13.96 30.51 18.48
N VAL B 174 -12.79 30.98 18.88
CA VAL B 174 -12.05 30.43 20.00
C VAL B 174 -12.01 31.57 21.02
N PRO B 175 -12.44 31.34 22.28
CA PRO B 175 -12.23 32.39 23.30
C PRO B 175 -10.74 32.66 23.49
N GLY B 176 -10.42 33.91 23.82
CA GLY B 176 -9.03 34.26 24.08
C GLY B 176 -8.47 33.50 25.28
N PHE B 177 -7.18 33.22 25.20
CA PHE B 177 -6.42 32.66 26.31
C PHE B 177 -5.01 33.22 26.18
N ASN B 178 -4.20 32.85 27.15
CA ASN B 178 -2.87 33.38 27.21
C ASN B 178 -1.96 32.53 26.30
N ILE B 179 -1.65 33.12 25.15
CA ILE B 179 -0.84 32.48 24.10
C ILE B 179 0.53 32.10 24.65
N GLU B 180 1.05 32.85 25.62
CA GLU B 180 2.32 32.50 26.22
C GLU B 180 2.28 31.11 26.83
N GLU B 181 1.10 30.59 27.20
CA GLU B 181 1.03 29.24 27.74
C GLU B 181 1.37 28.18 26.66
N LEU B 182 1.44 28.57 25.37
CA LEU B 182 1.85 27.59 24.35
C LEU B 182 3.36 27.51 24.24
N LEU B 183 4.10 28.44 24.85
CA LEU B 183 5.55 28.46 24.74
C LEU B 183 6.19 27.56 25.78
N PRO B 184 7.43 27.08 25.48
CA PRO B 184 8.10 26.13 26.39
C PRO B 184 8.78 26.88 27.51
N GLU B 185 9.42 26.05 28.36
CA GLU B 185 10.30 26.58 29.40
C GLU B 185 11.51 27.26 28.77
N ARG B 186 11.95 28.32 29.47
CA ARG B 186 13.22 28.99 29.20
C ARG B 186 13.26 29.53 27.77
N THR B 187 12.31 30.40 27.51
CA THR B 187 12.22 30.97 26.17
C THR B 187 13.45 31.78 25.81
N ALA B 188 14.29 32.14 26.79
CA ALA B 188 15.51 32.85 26.48
C ALA B 188 16.51 31.98 25.72
N GLU B 189 16.25 30.68 25.65
CA GLU B 189 17.13 29.74 24.94
C GLU B 189 16.49 29.39 23.59
N TYR B 190 17.09 29.86 22.52
CA TYR B 190 16.52 29.67 21.18
C TYR B 190 17.61 29.61 20.13
N TYR B 191 17.22 29.11 18.96
CA TYR B 191 17.94 29.11 17.74
C TYR B 191 17.38 30.23 16.86
N ARG B 192 18.27 30.96 16.14
CA ARG B 192 17.86 32.08 15.33
C ARG B 192 18.52 31.95 13.98
N TYR B 193 17.77 32.10 12.89
CA TYR B 193 18.33 32.04 11.55
C TYR B 193 17.43 32.76 10.57
N ARG B 194 18.00 33.10 9.41
CA ARG B 194 17.26 33.75 8.35
C ARG B 194 16.79 32.70 7.38
N GLY B 195 15.46 32.68 7.18
CA GLY B 195 14.94 31.65 6.27
C GLY B 195 13.69 32.13 5.55
N SER B 196 12.76 31.19 5.37
CA SER B 196 11.63 31.40 4.47
C SER B 196 10.35 30.87 5.11
N LEU B 197 9.25 31.24 4.48
CA LEU B 197 7.98 30.54 4.69
C LEU B 197 8.21 29.08 4.28
N THR B 198 7.60 28.15 5.05
CA THR B 198 7.74 26.73 4.74
C THR B 198 6.66 26.21 3.80
N THR B 199 5.77 27.13 3.34
CA THR B 199 4.68 26.80 2.44
C THR B 199 4.77 27.77 1.29
N PRO B 200 4.27 27.38 0.09
CA PRO B 200 4.13 28.34 -1.02
C PRO B 200 3.48 29.61 -0.51
N PRO B 201 3.95 30.81 -0.90
N PRO B 201 3.96 30.80 -0.90
CA PRO B 201 5.00 30.99 -1.93
CA PRO B 201 4.98 30.98 -1.93
C PRO B 201 6.46 30.91 -1.50
C PRO B 201 6.45 30.88 -1.52
N CYS B 202 6.73 30.45 -0.28
CA CYS B 202 8.11 30.17 0.21
C CYS B 202 8.99 31.44 0.23
N ASN B 203 8.37 32.59 0.50
CA ASN B 203 9.12 33.84 0.49
C ASN B 203 10.29 33.77 1.45
N PRO B 204 11.52 34.20 1.04
CA PRO B 204 12.71 34.14 1.92
C PRO B 204 12.80 35.35 2.85
N THR B 205 11.71 35.60 3.58
CA THR B 205 11.58 36.87 4.27
C THR B 205 11.34 36.68 5.77
N VAL B 206 11.69 35.49 6.29
CA VAL B 206 11.40 35.15 7.69
C VAL B 206 12.65 35.17 8.58
N LEU B 207 12.59 35.88 9.69
CA LEU B 207 13.52 35.72 10.79
C LEU B 207 12.93 34.64 11.71
N TRP B 208 13.59 33.48 11.75
CA TRP B 208 13.11 32.36 12.54
C TRP B 208 13.68 32.40 13.95
N THR B 209 12.86 32.09 14.93
CA THR B 209 13.24 31.80 16.30
C THR B 209 12.67 30.45 16.65
N VAL B 210 13.51 29.43 16.82
CA VAL B 210 13.02 28.12 17.23
C VAL B 210 13.42 27.94 18.69
N PHE B 211 12.46 27.81 19.60
CA PHE B 211 12.86 27.63 20.98
C PHE B 211 13.60 26.32 21.19
N ARG B 212 14.61 26.36 22.11
CA ARG B 212 15.37 25.14 22.36
C ARG B 212 14.55 24.01 22.94
N ASN B 213 13.64 24.35 23.86
CA ASN B 213 12.99 23.28 24.58
C ASN B 213 11.62 23.02 23.98
N PRO B 214 11.21 21.74 23.83
CA PRO B 214 9.85 21.41 23.35
C PRO B 214 8.80 21.59 24.44
N VAL B 215 7.54 21.61 24.01
CA VAL B 215 6.41 21.39 24.88
C VAL B 215 5.89 19.98 24.66
N GLN B 216 4.99 19.52 25.53
CA GLN B 216 4.35 18.20 25.40
C GLN B 216 2.83 18.36 25.18
N ILE B 217 2.28 17.54 24.28
CA ILE B 217 0.84 17.31 24.21
C ILE B 217 0.68 15.79 24.24
N SER B 218 -0.53 15.32 24.56
CA SER B 218 -0.68 13.88 24.73
C SER B 218 -0.85 13.16 23.42
N GLN B 219 -0.69 11.83 23.45
CA GLN B 219 -1.04 10.97 22.34
C GLN B 219 -2.48 11.21 21.86
N GLU B 220 -3.42 11.36 22.79
CA GLU B 220 -4.81 11.55 22.37
C GLU B 220 -4.99 12.90 21.69
N GLN B 221 -4.23 13.93 22.14
CA GLN B 221 -4.39 15.24 21.49
C GLN B 221 -3.75 15.19 20.11
N LEU B 222 -2.61 14.50 19.95
CA LEU B 222 -2.03 14.31 18.63
C LEU B 222 -3.02 13.55 17.75
N LEU B 223 -3.63 12.47 18.24
CA LEU B 223 -4.54 11.71 17.39
C LEU B 223 -5.72 12.58 16.97
N ALA B 224 -6.27 13.39 17.87
CA ALA B 224 -7.33 14.30 17.48
C ALA B 224 -6.84 15.23 16.39
N LEU B 225 -5.68 15.89 16.54
CA LEU B 225 -5.19 16.79 15.51
C LEU B 225 -4.98 16.08 14.18
N GLU B 226 -4.49 14.83 14.21
CA GLU B 226 -4.17 14.07 13.02
C GLU B 226 -5.40 13.47 12.32
N THR B 227 -6.54 13.42 12.96
CA THR B 227 -7.71 12.79 12.35
C THR B 227 -8.87 13.75 12.19
N ALA B 228 -8.81 14.96 12.74
CA ALA B 228 -10.00 15.80 12.71
C ALA B 228 -10.18 16.45 11.33
N LEU B 229 -9.10 16.78 10.62
CA LEU B 229 -9.16 17.81 9.59
C LEU B 229 -8.93 17.25 8.19
N TYR B 230 -9.56 17.94 7.22
CA TYR B 230 -9.46 17.65 5.78
C TYR B 230 -8.95 18.88 5.03
N CYS B 231 -8.19 18.64 3.96
CA CYS B 231 -7.70 19.71 3.10
C CYS B 231 -8.80 20.21 2.17
N THR B 232 -9.89 19.44 2.07
CA THR B 232 -10.89 19.63 1.02
C THR B 232 -12.15 20.24 1.62
N HIS B 233 -13.04 20.81 0.76
CA HIS B 233 -14.35 21.28 1.23
C HIS B 233 -15.29 20.15 1.68
N MET B 234 -16.27 20.51 2.51
N MET B 234 -16.25 20.50 2.54
CA MET B 234 -17.23 19.56 3.08
CA MET B 234 -17.24 19.57 3.08
C MET B 234 -17.97 18.79 1.99
C MET B 234 -17.86 18.75 1.94
N ASP B 235 -18.14 19.40 0.80
CA ASP B 235 -18.88 18.68 -0.23
C ASP B 235 -17.98 18.05 -1.29
N ASP B 236 -16.66 17.98 -1.07
CA ASP B 236 -15.78 17.46 -2.10
C ASP B 236 -15.94 15.95 -2.27
N PRO B 237 -16.25 15.43 -3.47
CA PRO B 237 -16.32 13.97 -3.66
C PRO B 237 -14.97 13.23 -3.66
N SER B 238 -13.81 13.98 -3.61
CA SER B 238 -12.49 13.34 -3.44
C SER B 238 -11.83 13.90 -2.18
N PRO B 239 -12.30 13.54 -0.99
CA PRO B 239 -11.74 14.12 0.24
C PRO B 239 -10.27 13.73 0.40
N ARG B 240 -9.52 14.66 1.05
CA ARG B 240 -8.11 14.42 1.37
C ARG B 240 -7.89 14.79 2.83
N GLU B 241 -7.42 13.85 3.62
CA GLU B 241 -7.12 14.10 5.03
C GLU B 241 -5.94 15.08 5.16
N MET B 242 -6.05 15.98 6.13
CA MET B 242 -4.95 16.92 6.41
C MET B 242 -3.97 16.27 7.41
N ILE B 243 -2.98 15.60 6.82
CA ILE B 243 -1.97 14.83 7.52
C ILE B 243 -0.64 15.13 6.85
N ASN B 244 0.45 14.89 7.63
CA ASN B 244 1.79 15.01 7.07
C ASN B 244 2.02 16.35 6.39
N ASN B 245 1.54 17.43 7.03
CA ASN B 245 1.59 18.76 6.45
C ASN B 245 2.87 19.48 6.94
N PHE B 246 4.01 18.85 6.69
CA PHE B 246 5.32 19.45 7.00
C PHE B 246 6.20 19.26 5.79
N ARG B 247 7.07 20.22 5.60
CA ARG B 247 8.02 20.20 4.48
C ARG B 247 9.28 19.48 4.93
N GLN B 248 9.95 18.74 4.05
CA GLN B 248 11.29 18.21 4.36
C GLN B 248 12.27 19.31 4.63
N VAL B 249 13.31 18.98 5.41
CA VAL B 249 14.36 19.99 5.65
C VAL B 249 15.12 20.29 4.38
N GLN B 250 15.68 21.49 4.38
CA GLN B 250 16.32 22.09 3.22
C GLN B 250 17.83 22.17 3.34
N LYS B 251 18.51 22.21 2.18
CA LYS B 251 19.96 22.41 2.25
C LYS B 251 20.27 23.76 2.94
N PHE B 252 21.39 23.80 3.68
CA PHE B 252 21.71 25.04 4.37
C PHE B 252 22.20 26.24 3.57
N ASP B 253 22.97 25.98 2.48
CA ASP B 253 23.44 26.92 1.47
C ASP B 253 24.31 27.95 2.22
N GLU B 254 25.27 27.44 3.03
CA GLU B 254 26.28 28.25 3.70
C GLU B 254 25.77 29.03 4.94
N ARG B 255 24.48 28.97 5.25
CA ARG B 255 23.93 29.61 6.44
C ARG B 255 24.52 28.99 7.74
N LEU B 256 24.65 29.81 8.81
CA LEU B 256 24.74 29.30 10.17
C LEU B 256 23.43 29.58 10.91
N VAL B 257 23.23 28.83 12.00
CA VAL B 257 22.16 29.05 12.92
C VAL B 257 22.80 29.55 14.21
N TYR B 258 22.34 30.69 14.70
CA TYR B 258 22.89 31.31 15.89
C TYR B 258 22.10 30.93 17.12
N THR B 259 22.76 30.59 18.22
CA THR B 259 22.08 30.13 19.41
C THR B 259 22.25 31.14 20.55
N SER B 260 21.23 31.30 21.37
CA SER B 260 21.32 32.23 22.50
C SER B 260 21.88 31.51 23.71
N PHE B 261 22.18 30.20 23.57
CA PHE B 261 22.69 29.38 24.66
C PHE B 261 24.02 28.84 24.15
N SER B 262 24.98 28.71 25.06
CA SER B 262 26.31 28.29 24.60
C SER B 262 26.41 26.78 24.65
N GLN B 263 25.80 26.20 25.68
CA GLN B 263 25.85 24.77 25.94
C GLN B 263 24.48 24.38 26.50
N LYS C 3 -10.66 -13.51 -24.77
CA LYS C 3 -9.67 -12.63 -24.08
C LYS C 3 -10.18 -12.28 -22.68
N TRP C 4 -9.34 -12.56 -21.68
CA TRP C 4 -9.82 -12.65 -20.31
C TRP C 4 -8.63 -12.62 -19.36
N THR C 5 -8.92 -12.22 -18.14
CA THR C 5 -7.87 -12.02 -17.15
C THR C 5 -8.39 -12.47 -15.80
N TYR C 6 -7.60 -12.22 -14.75
CA TYR C 6 -8.03 -12.41 -13.36
C TYR C 6 -8.18 -11.09 -12.61
N PHE C 7 -8.37 -9.95 -13.31
CA PHE C 7 -8.55 -8.67 -12.63
C PHE C 7 -9.33 -7.69 -13.51
N GLY C 8 -9.23 -6.39 -13.20
CA GLY C 8 -9.77 -5.29 -14.00
C GLY C 8 -11.24 -5.36 -14.42
N PRO C 9 -11.59 -5.01 -15.68
CA PRO C 9 -12.88 -5.36 -16.26
C PRO C 9 -13.02 -6.69 -17.00
N ASP C 10 -11.91 -7.39 -17.25
CA ASP C 10 -12.01 -8.61 -18.05
C ASP C 10 -11.78 -9.85 -17.18
N GLY C 11 -11.90 -9.65 -15.85
CA GLY C 11 -11.73 -10.69 -14.85
C GLY C 11 -12.96 -11.60 -14.70
N GLU C 12 -12.87 -12.44 -13.65
CA GLU C 12 -13.71 -13.63 -13.63
C GLU C 12 -15.21 -13.32 -13.59
N ASN C 13 -15.64 -12.21 -12.99
CA ASN C 13 -17.07 -11.96 -12.95
C ASN C 13 -17.61 -11.58 -14.33
N SER C 14 -16.71 -11.23 -15.27
CA SER C 14 -17.07 -10.85 -16.64
C SER C 14 -16.89 -11.99 -17.62
N TRP C 15 -16.26 -13.10 -17.25
CA TRP C 15 -16.07 -14.17 -18.21
C TRP C 15 -17.34 -14.60 -18.93
N SER C 16 -18.48 -14.64 -18.20
CA SER C 16 -19.72 -15.21 -18.77
C SER C 16 -20.22 -14.37 -19.95
N LYS C 17 -19.74 -13.13 -20.11
CA LYS C 17 -20.20 -12.34 -21.26
C LYS C 17 -19.80 -13.01 -22.58
N LYS C 18 -18.54 -13.41 -22.69
CA LYS C 18 -18.06 -14.05 -23.92
C LYS C 18 -18.08 -15.57 -23.84
N TYR C 19 -18.09 -16.10 -22.61
CA TYR C 19 -18.00 -17.54 -22.38
C TYR C 19 -19.18 -17.98 -21.54
N PRO C 20 -20.34 -18.26 -22.16
CA PRO C 20 -21.55 -18.40 -21.38
C PRO C 20 -21.48 -19.50 -20.32
N SER C 21 -20.70 -20.57 -20.55
CA SER C 21 -20.67 -21.66 -19.58
C SER C 21 -20.10 -21.20 -18.25
N CYS C 22 -19.36 -20.08 -18.24
CA CYS C 22 -18.80 -19.57 -16.99
C CYS C 22 -19.89 -19.12 -16.03
N GLY C 23 -21.10 -18.91 -16.54
CA GLY C 23 -22.28 -18.57 -15.72
C GLY C 23 -23.27 -19.71 -15.62
N GLY C 24 -22.86 -20.91 -16.05
CA GLY C 24 -23.75 -22.06 -16.07
C GLY C 24 -23.60 -22.97 -14.87
N LEU C 25 -24.04 -24.21 -15.04
CA LEU C 25 -24.01 -25.21 -13.99
C LEU C 25 -22.60 -25.79 -13.85
N LEU C 26 -22.47 -26.52 -12.74
CA LEU C 26 -21.36 -27.44 -12.42
C LEU C 26 -20.02 -26.70 -12.37
N GLN C 27 -20.01 -25.44 -11.96
CA GLN C 27 -18.76 -24.66 -11.99
C GLN C 27 -17.78 -25.08 -10.88
N SER C 28 -16.49 -25.07 -11.23
CA SER C 28 -15.36 -25.30 -10.34
C SER C 28 -14.55 -24.03 -10.21
N PRO C 29 -13.70 -23.86 -9.19
CA PRO C 29 -13.42 -24.83 -8.14
C PRO C 29 -14.45 -24.65 -7.02
N ILE C 30 -14.33 -25.48 -5.97
CA ILE C 30 -15.28 -25.53 -4.86
C ILE C 30 -14.48 -25.74 -3.57
N ASP C 31 -15.19 -25.46 -2.47
CA ASP C 31 -14.68 -25.77 -1.14
C ASP C 31 -15.01 -27.21 -0.79
N LEU C 32 -13.98 -27.95 -0.39
CA LEU C 32 -14.09 -29.35 0.00
C LEU C 32 -14.19 -29.39 1.52
N HIS C 33 -15.38 -29.68 2.04
CA HIS C 33 -15.50 -29.63 3.50
C HIS C 33 -16.27 -30.83 4.00
N SER C 34 -16.16 -31.18 5.31
CA SER C 34 -16.58 -32.51 5.78
C SER C 34 -18.07 -32.77 5.56
N ASP C 35 -18.90 -31.72 5.65
CA ASP C 35 -20.34 -31.93 5.62
C ASP C 35 -20.84 -32.36 4.25
N ILE C 36 -20.01 -32.19 3.20
CA ILE C 36 -20.48 -32.59 1.89
C ILE C 36 -19.70 -33.81 1.37
N LEU C 37 -18.84 -34.41 2.19
CA LEU C 37 -18.06 -35.55 1.74
C LEU C 37 -18.81 -36.85 1.95
N GLN C 38 -18.68 -37.77 1.00
CA GLN C 38 -19.29 -39.09 1.16
C GLN C 38 -18.34 -40.14 0.61
N TYR C 39 -17.95 -41.15 1.41
CA TYR C 39 -17.20 -42.28 0.89
C TYR C 39 -17.92 -43.02 -0.23
N ASP C 40 -17.16 -43.41 -1.25
CA ASP C 40 -17.68 -44.08 -2.45
C ASP C 40 -16.69 -45.22 -2.75
N ALA C 41 -17.18 -46.45 -2.55
CA ALA C 41 -16.40 -47.66 -2.80
C ALA C 41 -15.93 -47.80 -4.25
N SER C 42 -16.58 -47.14 -5.23
CA SER C 42 -16.18 -47.24 -6.62
C SER C 42 -14.83 -46.54 -6.89
N LEU C 43 -14.39 -45.72 -5.93
CA LEU C 43 -13.20 -44.88 -6.16
C LEU C 43 -11.90 -45.62 -5.83
N THR C 44 -11.55 -46.50 -6.76
CA THR C 44 -10.37 -47.33 -6.61
C THR C 44 -9.15 -46.54 -7.07
N PRO C 45 -7.90 -47.01 -6.85
CA PRO C 45 -6.71 -46.24 -7.23
C PRO C 45 -6.61 -46.08 -8.73
N LEU C 46 -6.22 -44.88 -9.20
CA LEU C 46 -5.97 -44.64 -10.61
C LEU C 46 -4.58 -45.19 -10.94
N GLU C 47 -4.37 -45.53 -12.23
CA GLU C 47 -3.02 -45.88 -12.71
C GLU C 47 -2.53 -44.82 -13.68
N PHE C 48 -1.27 -44.39 -13.54
CA PHE C 48 -0.74 -43.30 -14.34
C PHE C 48 0.19 -43.93 -15.38
N GLN C 49 -0.25 -43.94 -16.63
CA GLN C 49 0.49 -44.66 -17.67
C GLN C 49 1.25 -43.71 -18.56
N GLY C 50 2.53 -44.04 -18.92
CA GLY C 50 3.25 -43.19 -19.85
C GLY C 50 3.65 -41.85 -19.25
N TYR C 51 3.65 -41.76 -17.93
CA TYR C 51 3.98 -40.53 -17.23
C TYR C 51 5.49 -40.29 -17.21
N ASN C 52 6.25 -41.37 -17.46
CA ASN C 52 7.70 -41.29 -17.43
C ASN C 52 8.18 -40.88 -18.81
N LEU C 53 8.35 -39.56 -19.01
CA LEU C 53 8.62 -39.01 -20.31
C LEU C 53 10.12 -39.18 -20.55
N SER C 54 10.50 -39.33 -21.83
CA SER C 54 11.86 -39.65 -22.23
C SER C 54 12.80 -38.48 -21.94
N ALA C 55 13.90 -38.78 -21.23
CA ALA C 55 14.89 -37.78 -20.87
C ALA C 55 15.49 -37.14 -22.13
N ASN C 56 15.19 -37.73 -23.29
CA ASN C 56 15.74 -37.33 -24.58
C ASN C 56 14.59 -36.93 -25.53
N LYS C 57 13.42 -36.65 -24.94
CA LYS C 57 12.29 -36.04 -25.65
C LYS C 57 12.11 -34.66 -25.00
N GLN C 58 11.52 -33.68 -25.73
CA GLN C 58 11.28 -32.35 -25.14
C GLN C 58 9.84 -31.88 -25.35
N PHE C 59 9.40 -30.94 -24.47
CA PHE C 59 8.00 -30.60 -24.19
C PHE C 59 7.82 -29.08 -24.17
N LEU C 60 6.91 -28.50 -24.98
CA LEU C 60 6.81 -27.05 -25.11
C LEU C 60 6.18 -26.44 -23.83
N LEU C 61 6.89 -25.48 -23.24
CA LEU C 61 6.50 -24.64 -22.11
C LEU C 61 6.10 -23.27 -22.66
N THR C 62 4.90 -22.80 -22.36
CA THR C 62 4.37 -21.57 -22.92
C THR C 62 3.82 -20.73 -21.78
N ASN C 63 4.21 -19.48 -21.79
CA ASN C 63 3.47 -18.48 -21.07
C ASN C 63 2.33 -18.02 -21.98
N ASN C 64 1.08 -18.43 -21.64
CA ASN C 64 -0.04 -18.07 -22.47
C ASN C 64 -0.71 -16.82 -21.95
N GLY C 65 -0.06 -16.12 -20.99
CA GLY C 65 -0.66 -14.92 -20.43
C GLY C 65 -1.56 -15.18 -19.23
N HIS C 66 -1.90 -16.47 -18.97
CA HIS C 66 -2.79 -16.83 -17.88
C HIS C 66 -2.09 -17.74 -16.88
N SER C 67 -1.20 -18.60 -17.38
CA SER C 67 -0.43 -19.50 -16.56
C SER C 67 0.85 -19.85 -17.32
N VAL C 68 1.62 -20.74 -16.73
CA VAL C 68 2.66 -21.42 -17.49
C VAL C 68 2.15 -22.83 -17.72
N LYS C 69 2.11 -23.24 -18.99
CA LYS C 69 1.60 -24.57 -19.31
C LYS C 69 2.71 -25.37 -19.99
N LEU C 70 2.78 -26.65 -19.66
CA LEU C 70 3.61 -27.63 -20.34
C LEU C 70 2.73 -28.55 -21.16
N ASN C 71 2.98 -28.57 -22.49
CA ASN C 71 2.35 -29.55 -23.35
C ASN C 71 2.83 -30.95 -22.97
N LEU C 72 1.88 -31.92 -22.97
CA LEU C 72 2.17 -33.29 -22.61
C LEU C 72 1.78 -34.22 -23.77
N PRO C 73 2.40 -35.41 -23.98
CA PRO C 73 2.12 -36.25 -25.15
C PRO C 73 0.88 -37.13 -24.95
N SER C 74 0.15 -37.40 -26.02
CA SER C 74 -1.13 -38.11 -25.95
C SER C 74 -1.03 -39.60 -25.57
N ASP C 75 0.16 -40.20 -25.59
CA ASP C 75 0.33 -41.57 -25.11
C ASP C 75 0.41 -41.60 -23.57
N MET C 76 0.48 -40.43 -22.91
CA MET C 76 0.42 -40.43 -21.44
C MET C 76 -1.06 -40.42 -21.02
N HIS C 77 -1.45 -41.30 -20.09
CA HIS C 77 -2.89 -41.43 -19.82
C HIS C 77 -3.19 -41.93 -18.43
N ILE C 78 -4.46 -41.71 -18.01
CA ILE C 78 -4.98 -42.32 -16.80
C ILE C 78 -5.76 -43.59 -17.19
N GLN C 79 -5.55 -44.67 -16.45
CA GLN C 79 -6.32 -45.88 -16.54
C GLN C 79 -7.03 -46.02 -15.19
N GLY C 80 -8.28 -46.45 -15.23
CA GLY C 80 -9.10 -46.69 -14.05
C GLY C 80 -10.47 -45.99 -14.15
N LEU C 81 -10.61 -45.05 -15.11
CA LEU C 81 -11.90 -44.39 -15.29
C LEU C 81 -12.73 -45.15 -16.34
N GLN C 82 -13.95 -44.67 -16.65
CA GLN C 82 -14.85 -45.34 -17.58
C GLN C 82 -14.27 -45.38 -18.99
N SER C 83 -13.54 -44.33 -19.36
CA SER C 83 -12.83 -44.23 -20.64
C SER C 83 -11.37 -43.97 -20.31
N ARG C 84 -10.51 -44.17 -21.31
CA ARG C 84 -9.15 -43.65 -21.22
C ARG C 84 -9.16 -42.13 -21.38
N TYR C 85 -8.42 -41.47 -20.45
CA TYR C 85 -8.16 -40.04 -20.56
C TYR C 85 -6.66 -39.83 -20.80
N SER C 86 -6.37 -39.23 -21.97
CA SER C 86 -5.01 -38.93 -22.39
C SER C 86 -4.60 -37.50 -22.04
N ALA C 87 -3.32 -37.35 -21.70
CA ALA C 87 -2.77 -36.08 -21.30
C ALA C 87 -2.75 -35.05 -22.43
N THR C 88 -2.89 -33.77 -22.04
CA THR C 88 -2.77 -32.69 -23.00
C THR C 88 -1.80 -31.62 -22.50
N GLN C 89 -1.90 -31.20 -21.23
CA GLN C 89 -1.00 -30.17 -20.72
C GLN C 89 -1.17 -30.13 -19.22
N LEU C 90 -0.15 -29.64 -18.55
CA LEU C 90 -0.30 -29.27 -17.16
C LEU C 90 0.03 -27.80 -16.97
N HIS C 91 -0.44 -27.24 -15.85
CA HIS C 91 -0.20 -25.85 -15.52
C HIS C 91 -0.48 -25.65 -14.03
N LEU C 92 -0.17 -24.43 -13.55
CA LEU C 92 -0.31 -24.12 -12.12
C LEU C 92 -1.13 -22.84 -11.94
N HIS C 93 -1.57 -22.74 -10.65
CA HIS C 93 -2.29 -21.58 -10.13
C HIS C 93 -1.64 -21.15 -8.82
N TRP C 94 -1.51 -19.83 -8.63
CA TRP C 94 -0.87 -19.38 -7.41
C TRP C 94 -1.41 -18.00 -7.03
N GLY C 95 -0.89 -17.54 -5.88
CA GLY C 95 -1.28 -16.26 -5.32
C GLY C 95 -0.23 -15.14 -5.57
N ASN C 96 0.25 -14.53 -4.49
CA ASN C 96 1.24 -13.47 -4.67
C ASN C 96 2.04 -13.42 -3.38
N PRO C 97 3.24 -12.78 -3.34
CA PRO C 97 4.05 -12.83 -2.12
C PRO C 97 3.42 -12.23 -0.85
N ASN C 98 2.53 -11.27 -1.00
CA ASN C 98 1.82 -10.65 0.12
C ASN C 98 0.67 -11.52 0.64
N ASP C 99 0.20 -12.52 -0.15
CA ASP C 99 -0.96 -13.34 0.18
C ASP C 99 -0.75 -14.67 -0.55
N PRO C 100 0.17 -15.51 -0.05
CA PRO C 100 0.66 -16.67 -0.79
C PRO C 100 -0.26 -17.87 -0.63
N HIS C 101 -1.51 -17.67 -1.03
CA HIS C 101 -2.54 -18.69 -0.83
C HIS C 101 -3.46 -18.75 -2.04
N GLY C 102 -2.94 -19.33 -3.13
CA GLY C 102 -3.55 -19.22 -4.44
C GLY C 102 -3.95 -20.55 -5.07
N SER C 103 -4.20 -21.59 -4.25
CA SER C 103 -4.92 -22.76 -4.77
C SER C 103 -6.31 -22.36 -5.27
N GLU C 104 -6.84 -23.23 -6.15
CA GLU C 104 -8.21 -23.03 -6.63
C GLU C 104 -9.20 -23.71 -5.67
N HIS C 105 -9.06 -25.01 -5.48
CA HIS C 105 -9.88 -25.68 -4.46
C HIS C 105 -9.42 -25.25 -3.07
N THR C 106 -10.36 -25.23 -2.12
CA THR C 106 -10.05 -25.02 -0.72
C THR C 106 -10.50 -26.23 0.07
N VAL C 107 -9.91 -26.43 1.27
CA VAL C 107 -10.30 -27.52 2.15
C VAL C 107 -10.74 -26.92 3.48
N SER C 108 -12.01 -27.12 3.83
CA SER C 108 -12.55 -26.49 5.04
C SER C 108 -12.30 -24.98 5.04
N GLY C 109 -12.45 -24.39 3.87
CA GLY C 109 -12.39 -22.96 3.71
C GLY C 109 -10.98 -22.43 3.50
N GLN C 110 -9.96 -23.30 3.58
CA GLN C 110 -8.59 -22.84 3.52
C GLN C 110 -7.97 -23.05 2.14
N HIS C 111 -7.31 -22.02 1.61
CA HIS C 111 -6.52 -22.19 0.40
C HIS C 111 -5.16 -22.79 0.74
N PHE C 112 -4.62 -23.56 -0.18
CA PHE C 112 -3.22 -23.95 -0.18
C PHE C 112 -2.44 -22.88 -0.94
N ALA C 113 -1.10 -22.98 -0.90
CA ALA C 113 -0.26 -22.00 -1.56
C ALA C 113 -0.48 -21.92 -3.07
N ALA C 114 -0.68 -23.10 -3.66
CA ALA C 114 -0.75 -23.20 -5.11
C ALA C 114 -1.44 -24.53 -5.44
N GLU C 115 -1.73 -24.69 -6.75
CA GLU C 115 -2.35 -25.92 -7.20
C GLU C 115 -1.85 -26.23 -8.60
N LEU C 116 -1.49 -27.53 -8.77
CA LEU C 116 -1.11 -28.04 -10.09
C LEU C 116 -2.32 -28.78 -10.69
N HIS C 117 -2.52 -28.58 -11.98
CA HIS C 117 -3.57 -29.28 -12.73
C HIS C 117 -2.89 -30.07 -13.85
N ILE C 118 -3.22 -31.34 -13.94
CA ILE C 118 -2.80 -32.17 -15.08
C ILE C 118 -4.04 -32.53 -15.88
N VAL C 119 -4.16 -31.94 -17.07
CA VAL C 119 -5.38 -31.94 -17.86
C VAL C 119 -5.31 -33.08 -18.87
N HIS C 120 -6.39 -33.87 -18.88
CA HIS C 120 -6.51 -35.00 -19.81
C HIS C 120 -7.82 -34.88 -20.59
N TYR C 121 -7.89 -35.55 -21.76
CA TYR C 121 -9.12 -35.55 -22.53
C TYR C 121 -9.51 -37.01 -22.82
N ASN C 122 -10.79 -37.18 -23.13
CA ASN C 122 -11.34 -38.52 -23.35
C ASN C 122 -11.00 -38.97 -24.77
N SER C 123 -9.92 -39.77 -24.87
CA SER C 123 -9.39 -40.12 -26.18
C SER C 123 -10.15 -41.29 -26.81
N ASP C 124 -10.90 -42.02 -26.01
CA ASP C 124 -11.84 -43.02 -26.53
C ASP C 124 -12.97 -42.36 -27.34
N LEU C 125 -13.46 -41.20 -26.91
CA LEU C 125 -14.61 -40.59 -27.55
C LEU C 125 -14.18 -39.54 -28.58
N TYR C 126 -13.03 -38.88 -28.36
CA TYR C 126 -12.68 -37.68 -29.10
C TYR C 126 -11.23 -37.73 -29.59
N PRO C 127 -10.93 -37.10 -30.77
CA PRO C 127 -9.58 -37.16 -31.33
C PRO C 127 -8.54 -36.25 -30.70
N ASP C 128 -9.01 -35.23 -29.96
CA ASP C 128 -8.08 -34.26 -29.41
C ASP C 128 -8.73 -33.49 -28.26
N ALA C 129 -7.89 -32.77 -27.52
CA ALA C 129 -8.35 -32.09 -26.31
C ALA C 129 -9.31 -30.97 -26.68
N SER C 130 -9.01 -30.23 -27.75
CA SER C 130 -9.88 -29.12 -28.14
C SER C 130 -11.25 -29.62 -28.59
N THR C 131 -11.31 -30.75 -29.33
CA THR C 131 -12.62 -31.30 -29.69
C THR C 131 -13.35 -31.76 -28.44
N ALA C 132 -12.63 -32.42 -27.51
CA ALA C 132 -13.26 -32.97 -26.31
C ALA C 132 -13.78 -31.90 -25.35
N SER C 133 -13.14 -30.72 -25.34
CA SER C 133 -13.25 -29.86 -24.18
C SER C 133 -14.70 -29.44 -23.97
N ASN C 134 -15.53 -29.33 -25.02
CA ASN C 134 -16.88 -28.80 -24.84
C ASN C 134 -17.92 -29.90 -24.95
N LYS C 135 -17.50 -31.17 -24.85
CA LYS C 135 -18.38 -32.30 -25.08
C LYS C 135 -18.48 -33.20 -23.87
N SER C 136 -19.52 -34.04 -23.88
CA SER C 136 -19.86 -34.95 -22.80
C SER C 136 -18.68 -35.81 -22.38
N GLU C 137 -18.41 -35.87 -21.06
CA GLU C 137 -17.33 -36.69 -20.53
C GLU C 137 -15.99 -36.36 -21.19
N GLY C 138 -15.79 -35.12 -21.60
CA GLY C 138 -14.69 -34.68 -22.44
C GLY C 138 -13.36 -34.64 -21.70
N LEU C 139 -13.34 -34.32 -20.38
CA LEU C 139 -12.08 -34.01 -19.73
C LEU C 139 -11.98 -34.65 -18.36
N ALA C 140 -10.76 -34.88 -17.91
CA ALA C 140 -10.50 -35.33 -16.55
C ALA C 140 -9.26 -34.55 -16.10
N VAL C 141 -9.29 -33.97 -14.90
CA VAL C 141 -8.16 -33.18 -14.39
C VAL C 141 -7.73 -33.78 -13.07
N LEU C 142 -6.40 -33.94 -12.92
CA LEU C 142 -5.84 -34.30 -11.65
C LEU C 142 -5.34 -33.03 -10.99
N ALA C 143 -5.72 -32.83 -9.72
CA ALA C 143 -5.31 -31.62 -9.01
C ALA C 143 -4.49 -32.01 -7.77
N VAL C 144 -3.33 -31.31 -7.68
CA VAL C 144 -2.45 -31.48 -6.53
C VAL C 144 -2.34 -30.14 -5.77
N LEU C 145 -2.65 -30.22 -4.48
CA LEU C 145 -2.53 -29.06 -3.60
C LEU C 145 -1.06 -28.89 -3.23
N ILE C 146 -0.61 -27.63 -3.22
CA ILE C 146 0.80 -27.33 -2.97
C ILE C 146 0.89 -26.46 -1.72
N GLU C 147 1.78 -26.86 -0.77
CA GLU C 147 2.05 -26.02 0.40
C GLU C 147 3.55 -25.82 0.57
N MET C 148 3.90 -24.80 1.35
CA MET C 148 5.30 -24.47 1.65
C MET C 148 5.89 -25.59 2.51
N GLY C 149 7.14 -25.98 2.20
CA GLY C 149 7.83 -27.00 2.98
C GLY C 149 9.26 -27.22 2.47
N SER C 150 9.62 -28.50 2.40
CA SER C 150 10.90 -28.99 1.87
C SER C 150 11.00 -28.61 0.40
N PHE C 151 12.23 -28.33 -0.05
CA PHE C 151 12.55 -28.15 -1.45
C PHE C 151 12.16 -29.40 -2.25
N ASN C 152 11.65 -29.19 -3.48
CA ASN C 152 11.11 -30.28 -4.28
C ASN C 152 11.80 -30.34 -5.64
N PRO C 153 12.77 -31.27 -5.81
CA PRO C 153 13.53 -31.28 -7.05
C PRO C 153 12.70 -31.62 -8.30
N SER C 154 11.57 -32.29 -8.08
CA SER C 154 10.71 -32.61 -9.22
C SER C 154 10.03 -31.34 -9.74
N TYR C 155 9.49 -30.49 -8.84
CA TYR C 155 8.84 -29.27 -9.30
C TYR C 155 9.86 -28.33 -9.92
N ASP C 156 11.13 -28.46 -9.47
CA ASP C 156 12.17 -27.62 -10.04
C ASP C 156 12.44 -27.98 -11.52
N LYS C 157 12.07 -29.20 -11.94
CA LYS C 157 12.20 -29.60 -13.34
C LYS C 157 11.42 -28.65 -14.24
N ILE C 158 10.36 -28.05 -13.67
CA ILE C 158 9.59 -27.01 -14.36
C ILE C 158 10.18 -25.64 -14.03
N PHE C 159 10.27 -25.35 -12.73
CA PHE C 159 10.52 -23.99 -12.25
C PHE C 159 11.83 -23.39 -12.78
N SER C 160 12.79 -24.28 -13.10
CA SER C 160 14.11 -23.92 -13.57
C SER C 160 14.07 -23.28 -14.95
N HIS C 161 12.91 -23.29 -15.63
CA HIS C 161 12.74 -22.71 -16.96
C HIS C 161 11.97 -21.40 -16.98
N LEU C 162 11.44 -20.93 -15.82
CA LEU C 162 10.49 -19.83 -15.84
C LEU C 162 11.06 -18.54 -16.43
N GLN C 163 12.38 -18.31 -16.23
CA GLN C 163 12.93 -17.04 -16.70
C GLN C 163 13.02 -17.01 -18.23
N HIS C 164 12.75 -18.14 -18.90
CA HIS C 164 12.72 -18.22 -20.35
C HIS C 164 11.36 -17.90 -20.96
N VAL C 165 10.32 -17.85 -20.12
CA VAL C 165 8.97 -17.54 -20.62
C VAL C 165 8.33 -16.42 -19.80
N LYS C 166 9.06 -15.33 -19.51
CA LYS C 166 8.57 -14.31 -18.60
C LYS C 166 7.40 -13.52 -19.20
N TYR C 167 7.32 -13.49 -20.52
CA TYR C 167 6.32 -12.64 -21.15
C TYR C 167 5.26 -13.49 -21.87
N LYS C 168 4.05 -12.90 -21.99
CA LYS C 168 2.95 -13.54 -22.72
C LYS C 168 3.38 -13.87 -24.14
N GLY C 169 3.14 -15.13 -24.54
CA GLY C 169 3.39 -15.60 -25.88
C GLY C 169 4.76 -16.27 -25.99
N GLN C 170 5.62 -16.11 -24.97
CA GLN C 170 6.93 -16.69 -25.05
C GLN C 170 6.89 -18.19 -24.80
N GLU C 171 7.81 -18.90 -25.44
CA GLU C 171 7.88 -20.36 -25.34
C GLU C 171 9.30 -20.86 -25.07
N ALA C 172 9.40 -22.05 -24.47
CA ALA C 172 10.66 -22.75 -24.23
C ALA C 172 10.44 -24.26 -24.19
N PHE C 173 11.52 -25.04 -24.12
CA PHE C 173 11.39 -26.50 -24.11
C PHE C 173 11.90 -27.05 -22.79
N VAL C 174 11.14 -27.99 -22.22
CA VAL C 174 11.56 -28.71 -21.02
C VAL C 174 11.92 -30.13 -21.42
N PRO C 175 13.08 -30.66 -20.95
CA PRO C 175 13.44 -32.05 -21.17
C PRO C 175 12.45 -32.94 -20.44
N GLY C 176 12.05 -34.04 -21.08
CA GLY C 176 11.30 -35.11 -20.45
C GLY C 176 11.76 -35.54 -19.05
N PHE C 177 10.76 -35.87 -18.22
CA PHE C 177 10.95 -36.34 -16.86
C PHE C 177 9.68 -37.09 -16.48
N ASN C 178 9.70 -37.74 -15.32
CA ASN C 178 8.61 -38.55 -14.83
C ASN C 178 7.58 -37.66 -14.13
N ILE C 179 6.41 -37.51 -14.77
CA ILE C 179 5.41 -36.55 -14.30
C ILE C 179 4.80 -37.09 -13.00
N GLU C 180 4.91 -38.39 -12.76
CA GLU C 180 4.37 -38.97 -11.55
C GLU C 180 5.08 -38.39 -10.31
N GLU C 181 6.26 -37.81 -10.51
CA GLU C 181 7.03 -37.25 -9.43
C GLU C 181 6.30 -36.03 -8.83
N LEU C 182 5.38 -35.44 -9.61
CA LEU C 182 4.64 -34.25 -9.18
C LEU C 182 3.46 -34.60 -8.28
N LEU C 183 3.10 -35.87 -8.20
CA LEU C 183 1.94 -36.33 -7.46
C LEU C 183 2.33 -36.55 -6.01
N PRO C 184 1.37 -36.38 -5.09
CA PRO C 184 1.64 -36.53 -3.66
C PRO C 184 1.72 -37.99 -3.22
N GLU C 185 2.08 -38.16 -1.95
CA GLU C 185 1.96 -39.44 -1.28
C GLU C 185 0.51 -39.93 -1.30
N ARG C 186 0.37 -41.26 -1.39
CA ARG C 186 -0.90 -41.96 -1.26
C ARG C 186 -1.93 -41.39 -2.24
N THR C 187 -1.59 -41.46 -3.52
CA THR C 187 -2.54 -41.08 -4.55
C THR C 187 -3.86 -41.85 -4.45
N ALA C 188 -3.92 -42.98 -3.73
CA ALA C 188 -5.21 -43.68 -3.65
C ALA C 188 -6.27 -42.87 -2.87
N GLU C 189 -5.82 -41.84 -2.14
CA GLU C 189 -6.69 -41.02 -1.31
C GLU C 189 -7.03 -39.76 -2.09
N TYR C 190 -8.30 -39.65 -2.51
CA TYR C 190 -8.66 -38.47 -3.29
C TYR C 190 -10.13 -38.11 -3.10
N TYR C 191 -10.46 -36.86 -3.52
CA TYR C 191 -11.81 -36.34 -3.68
C TYR C 191 -12.20 -36.43 -5.15
N ARG C 192 -13.46 -36.73 -5.43
CA ARG C 192 -13.94 -36.87 -6.80
C ARG C 192 -15.27 -36.14 -6.96
N TYR C 193 -15.38 -35.28 -8.00
CA TYR C 193 -16.71 -34.72 -8.30
C TYR C 193 -16.72 -34.34 -9.77
N ARG C 194 -17.93 -34.09 -10.31
CA ARG C 194 -18.09 -33.59 -11.67
C ARG C 194 -18.22 -32.07 -11.61
N GLY C 195 -17.33 -31.42 -12.40
CA GLY C 195 -17.33 -29.97 -12.43
C GLY C 195 -16.94 -29.41 -13.78
N SER C 196 -16.17 -28.30 -13.74
CA SER C 196 -15.91 -27.55 -14.98
C SER C 196 -14.44 -27.20 -15.07
N LEU C 197 -14.06 -26.75 -16.26
CA LEU C 197 -12.83 -25.96 -16.35
C LEU C 197 -12.94 -24.75 -15.44
N THR C 198 -11.82 -24.35 -14.85
CA THR C 198 -11.79 -23.17 -14.00
C THR C 198 -11.38 -21.90 -14.75
N THR C 199 -11.15 -22.03 -16.06
CA THR C 199 -10.86 -20.91 -16.93
C THR C 199 -11.82 -20.95 -18.11
N PRO C 200 -12.06 -19.79 -18.78
CA PRO C 200 -12.87 -19.78 -20.00
C PRO C 200 -12.36 -20.86 -20.94
N PRO C 201 -13.23 -21.64 -21.59
CA PRO C 201 -14.69 -21.42 -21.62
C PRO C 201 -15.54 -22.02 -20.50
N CYS C 202 -14.90 -22.55 -19.43
CA CYS C 202 -15.60 -22.99 -18.22
C CYS C 202 -16.50 -24.18 -18.50
N ASN C 203 -16.17 -25.03 -19.49
CA ASN C 203 -17.13 -26.06 -19.86
C ASN C 203 -17.33 -27.05 -18.73
N PRO C 204 -18.59 -27.44 -18.48
CA PRO C 204 -18.94 -28.32 -17.35
C PRO C 204 -18.71 -29.79 -17.74
N THR C 205 -17.46 -30.05 -18.15
CA THR C 205 -17.15 -31.34 -18.78
C THR C 205 -15.97 -32.04 -18.10
N VAL C 206 -15.64 -31.62 -16.86
CA VAL C 206 -14.45 -32.13 -16.18
C VAL C 206 -14.81 -33.08 -15.05
N LEU C 207 -14.22 -34.28 -15.08
CA LEU C 207 -14.20 -35.18 -13.94
C LEU C 207 -12.99 -34.80 -13.10
N TRP C 208 -13.22 -34.25 -11.92
CA TRP C 208 -12.12 -33.82 -11.06
C TRP C 208 -11.67 -34.92 -10.13
N THR C 209 -10.35 -35.01 -9.98
CA THR C 209 -9.75 -35.81 -8.95
C THR C 209 -8.78 -34.90 -8.20
N VAL C 210 -9.08 -34.60 -6.93
CA VAL C 210 -8.21 -33.73 -6.13
C VAL C 210 -7.56 -34.60 -5.08
N PHE C 211 -6.22 -34.71 -5.13
CA PHE C 211 -5.66 -35.63 -4.14
C PHE C 211 -5.83 -35.10 -2.73
N ARG C 212 -5.96 -36.03 -1.78
N ARG C 212 -5.96 -36.03 -1.78
CA ARG C 212 -6.20 -35.65 -0.39
CA ARG C 212 -6.19 -35.62 -0.41
C ARG C 212 -4.96 -34.97 0.19
C ARG C 212 -4.96 -34.96 0.19
N ASN C 213 -3.77 -35.46 -0.15
CA ASN C 213 -2.52 -35.01 0.45
C ASN C 213 -1.82 -33.98 -0.43
N PRO C 214 -1.32 -32.87 0.15
CA PRO C 214 -0.58 -31.87 -0.60
C PRO C 214 0.85 -32.31 -0.82
N VAL C 215 1.51 -31.65 -1.75
CA VAL C 215 2.97 -31.70 -1.91
C VAL C 215 3.56 -30.45 -1.31
N GLN C 216 4.86 -30.51 -1.00
CA GLN C 216 5.63 -29.36 -0.54
C GLN C 216 6.62 -28.87 -1.59
N ILE C 217 6.72 -27.54 -1.68
CA ILE C 217 7.80 -26.86 -2.36
C ILE C 217 8.39 -25.87 -1.35
N SER C 218 9.68 -25.49 -1.50
CA SER C 218 10.23 -24.63 -0.46
C SER C 218 9.71 -23.22 -0.62
N GLN C 219 9.90 -22.41 0.43
CA GLN C 219 9.61 -20.99 0.33
C GLN C 219 10.28 -20.39 -0.91
N GLU C 220 11.51 -20.84 -1.20
CA GLU C 220 12.29 -20.33 -2.31
C GLU C 220 11.55 -20.57 -3.63
N GLN C 221 11.09 -21.80 -3.83
CA GLN C 221 10.45 -22.18 -5.08
C GLN C 221 9.08 -21.48 -5.23
N LEU C 222 8.35 -21.38 -4.11
CA LEU C 222 7.04 -20.72 -4.18
C LEU C 222 7.18 -19.26 -4.59
N LEU C 223 8.19 -18.60 -3.98
CA LEU C 223 8.46 -17.20 -4.28
C LEU C 223 8.89 -17.03 -5.73
N ALA C 224 9.71 -17.96 -6.20
CA ALA C 224 10.14 -17.97 -7.58
C ALA C 224 8.94 -18.02 -8.54
N LEU C 225 8.01 -18.95 -8.26
CA LEU C 225 6.84 -19.10 -9.11
C LEU C 225 5.98 -17.85 -9.08
N GLU C 226 5.81 -17.24 -7.91
CA GLU C 226 4.95 -16.06 -7.75
C GLU C 226 5.53 -14.80 -8.40
N THR C 227 6.86 -14.77 -8.60
CA THR C 227 7.55 -13.56 -9.05
C THR C 227 8.16 -13.66 -10.45
N ALA C 228 8.12 -14.83 -11.08
CA ALA C 228 8.87 -15.00 -12.32
C ALA C 228 8.16 -14.44 -13.54
N LEU C 229 6.82 -14.40 -13.56
CA LEU C 229 6.13 -14.22 -14.84
C LEU C 229 5.33 -12.94 -14.90
N TYR C 230 5.17 -12.44 -16.14
CA TYR C 230 4.29 -11.34 -16.47
C TYR C 230 3.16 -11.91 -17.31
N CYS C 231 2.01 -11.22 -17.31
CA CYS C 231 0.89 -11.67 -18.11
C CYS C 231 0.84 -10.86 -19.40
N THR C 232 1.85 -10.00 -19.57
CA THR C 232 1.90 -9.10 -20.71
C THR C 232 3.01 -9.52 -21.69
N HIS C 233 2.86 -9.12 -22.97
CA HIS C 233 3.85 -9.29 -24.03
C HIS C 233 5.10 -8.48 -23.71
N MET C 234 6.24 -8.98 -24.21
CA MET C 234 7.61 -8.56 -23.89
C MET C 234 7.82 -7.06 -24.02
N ASP C 235 7.19 -6.41 -25.02
CA ASP C 235 7.39 -4.99 -25.21
C ASP C 235 6.08 -4.24 -24.97
N ASP C 236 5.33 -4.70 -23.96
CA ASP C 236 4.25 -3.91 -23.39
C ASP C 236 4.91 -2.88 -22.47
N PRO C 237 4.62 -1.57 -22.67
CA PRO C 237 5.20 -0.52 -21.83
C PRO C 237 4.52 -0.43 -20.46
N SER C 238 3.50 -1.27 -20.28
CA SER C 238 2.80 -1.33 -19.00
C SER C 238 2.76 -2.77 -18.50
N PRO C 239 3.89 -3.37 -18.10
CA PRO C 239 3.91 -4.78 -17.74
C PRO C 239 3.10 -5.09 -16.47
N ARG C 240 2.50 -6.28 -16.47
CA ARG C 240 1.71 -6.75 -15.34
C ARG C 240 2.24 -8.12 -14.88
N GLU C 241 2.44 -8.27 -13.57
CA GLU C 241 2.87 -9.54 -12.98
C GLU C 241 1.78 -10.62 -13.14
N MET C 242 2.22 -11.85 -13.39
CA MET C 242 1.28 -12.97 -13.40
C MET C 242 1.18 -13.51 -11.97
N ILE C 243 0.12 -13.07 -11.29
CA ILE C 243 -0.14 -13.39 -9.89
C ILE C 243 -1.64 -13.63 -9.76
N ASN C 244 -1.98 -14.30 -8.66
CA ASN C 244 -3.39 -14.48 -8.28
C ASN C 244 -4.22 -15.05 -9.45
N ASN C 245 -3.64 -16.06 -10.12
CA ASN C 245 -4.25 -16.59 -11.33
C ASN C 245 -5.10 -17.81 -10.99
N PHE C 246 -5.98 -17.63 -10.00
CA PHE C 246 -6.88 -18.70 -9.59
C PHE C 246 -8.27 -18.11 -9.65
N ARG C 247 -9.29 -18.99 -9.84
CA ARG C 247 -10.69 -18.55 -9.79
C ARG C 247 -11.17 -18.65 -8.34
N GLN C 248 -12.06 -17.74 -7.92
CA GLN C 248 -12.76 -17.85 -6.61
C GLN C 248 -13.61 -19.13 -6.58
N VAL C 249 -13.79 -19.68 -5.38
CA VAL C 249 -14.66 -20.83 -5.24
C VAL C 249 -16.11 -20.51 -5.61
N GLN C 250 -16.78 -21.52 -6.13
CA GLN C 250 -18.14 -21.41 -6.63
C GLN C 250 -19.10 -22.03 -5.61
N LYS C 251 -20.35 -21.53 -5.66
CA LYS C 251 -21.38 -22.20 -4.87
C LYS C 251 -21.56 -23.64 -5.35
N PHE C 252 -21.78 -24.50 -4.37
CA PHE C 252 -21.93 -25.93 -4.61
C PHE C 252 -23.00 -26.41 -3.65
N ASP C 253 -24.24 -26.45 -4.11
CA ASP C 253 -25.38 -26.62 -3.22
C ASP C 253 -26.13 -27.91 -3.55
N GLU C 254 -26.53 -28.61 -2.48
CA GLU C 254 -27.20 -29.89 -2.54
C GLU C 254 -26.46 -30.85 -3.47
N ARG C 255 -25.12 -30.81 -3.35
CA ARG C 255 -24.26 -31.76 -4.05
C ARG C 255 -23.22 -32.33 -3.08
N LEU C 256 -22.71 -33.54 -3.46
CA LEU C 256 -21.70 -34.19 -2.64
C LEU C 256 -20.36 -34.22 -3.38
N VAL C 257 -19.30 -34.36 -2.59
CA VAL C 257 -17.98 -34.68 -3.11
C VAL C 257 -17.68 -36.09 -2.60
N TYR C 258 -17.35 -36.98 -3.52
CA TYR C 258 -17.16 -38.37 -3.15
C TYR C 258 -15.69 -38.58 -2.79
N THR C 259 -15.43 -39.43 -1.79
CA THR C 259 -14.06 -39.62 -1.34
C THR C 259 -13.70 -41.09 -1.40
N SER C 260 -12.42 -41.36 -1.74
CA SER C 260 -11.95 -42.74 -1.83
C SER C 260 -11.54 -43.22 -0.45
N PHE C 261 -11.62 -42.32 0.52
CA PHE C 261 -11.18 -42.61 1.87
C PHE C 261 -12.36 -42.37 2.79
N SER C 262 -12.29 -43.02 3.96
CA SER C 262 -13.28 -42.76 5.00
C SER C 262 -12.67 -41.94 6.13
N GLN C 263 -11.59 -42.46 6.70
CA GLN C 263 -11.04 -41.87 7.90
C GLN C 263 -10.05 -40.74 7.53
N LYS D 3 -34.01 -8.98 -13.12
CA LYS D 3 -34.45 -10.31 -12.63
C LYS D 3 -33.22 -11.09 -12.14
N TRP D 4 -32.18 -10.35 -11.71
CA TRP D 4 -30.98 -11.01 -11.20
C TRP D 4 -31.34 -11.90 -10.01
N THR D 5 -30.56 -12.95 -9.80
CA THR D 5 -30.83 -13.93 -8.75
C THR D 5 -29.50 -14.37 -8.14
N TYR D 6 -29.57 -15.33 -7.20
CA TYR D 6 -28.38 -15.96 -6.65
C TYR D 6 -28.15 -17.40 -7.08
N PHE D 7 -28.98 -17.85 -8.04
CA PHE D 7 -28.88 -19.23 -8.49
C PHE D 7 -29.34 -19.30 -9.94
N GLY D 8 -28.63 -20.06 -10.76
CA GLY D 8 -29.15 -20.33 -12.09
C GLY D 8 -28.61 -19.32 -13.08
N PRO D 9 -29.20 -19.27 -14.28
CA PRO D 9 -28.65 -18.48 -15.37
C PRO D 9 -28.46 -17.00 -15.09
N ASP D 10 -29.21 -16.45 -14.13
CA ASP D 10 -29.21 -15.03 -13.78
C ASP D 10 -28.46 -14.80 -12.46
N GLY D 11 -27.73 -15.85 -12.04
CA GLY D 11 -26.97 -15.77 -10.80
C GLY D 11 -25.69 -14.94 -10.93
N GLU D 12 -24.88 -14.97 -9.86
CA GLU D 12 -23.87 -13.95 -9.63
C GLU D 12 -22.79 -13.91 -10.70
N ASN D 13 -22.44 -15.02 -11.33
CA ASN D 13 -21.42 -14.96 -12.39
C ASN D 13 -21.97 -14.28 -13.64
N SER D 14 -23.28 -14.02 -13.68
CA SER D 14 -23.88 -13.37 -14.87
C SER D 14 -24.28 -11.93 -14.57
N TRP D 15 -24.16 -11.44 -13.32
CA TRP D 15 -24.62 -10.10 -13.03
C TRP D 15 -23.94 -9.05 -13.91
N SER D 16 -22.67 -9.22 -14.21
CA SER D 16 -21.91 -8.24 -14.98
C SER D 16 -22.44 -8.08 -16.41
N LYS D 17 -23.27 -9.02 -16.88
CA LYS D 17 -23.77 -8.88 -18.25
C LYS D 17 -24.73 -7.70 -18.29
N LYS D 18 -25.46 -7.41 -17.20
CA LYS D 18 -26.37 -6.25 -17.19
C LYS D 18 -25.88 -5.09 -16.33
N TYR D 19 -24.97 -5.38 -15.38
CA TYR D 19 -24.58 -4.44 -14.35
C TYR D 19 -23.06 -4.38 -14.40
N PRO D 20 -22.45 -3.52 -15.23
CA PRO D 20 -21.03 -3.59 -15.47
C PRO D 20 -20.17 -3.44 -14.21
N SER D 21 -20.65 -2.69 -13.20
CA SER D 21 -19.83 -2.56 -11.99
C SER D 21 -19.63 -3.89 -11.28
N CYS D 22 -20.53 -4.86 -11.44
CA CYS D 22 -20.36 -6.17 -10.81
C CYS D 22 -19.13 -6.88 -11.33
N GLY D 23 -18.62 -6.49 -12.53
CA GLY D 23 -17.34 -6.98 -13.08
C GLY D 23 -16.19 -5.98 -12.97
N GLY D 24 -16.39 -4.92 -12.19
CA GLY D 24 -15.33 -3.92 -12.04
C GLY D 24 -14.48 -4.17 -10.80
N LEU D 25 -13.74 -3.14 -10.43
CA LEU D 25 -12.82 -3.24 -9.30
C LEU D 25 -13.57 -3.02 -7.98
N LEU D 26 -12.85 -3.32 -6.88
CA LEU D 26 -13.22 -2.99 -5.51
C LEU D 26 -14.56 -3.62 -5.10
N GLN D 27 -14.73 -4.88 -5.49
CA GLN D 27 -15.98 -5.56 -5.16
C GLN D 27 -15.98 -6.16 -3.76
N SER D 28 -17.19 -6.28 -3.22
CA SER D 28 -17.46 -6.89 -1.93
C SER D 28 -18.39 -8.07 -2.12
N PRO D 29 -18.45 -9.07 -1.22
CA PRO D 29 -17.69 -9.12 0.06
C PRO D 29 -16.32 -9.72 -0.17
N ILE D 30 -15.59 -9.86 0.95
CA ILE D 30 -14.22 -10.40 0.92
C ILE D 30 -14.02 -11.30 2.13
N ASP D 31 -12.98 -12.12 2.02
CA ASP D 31 -12.53 -12.94 3.16
C ASP D 31 -11.58 -12.14 4.04
N LEU D 32 -11.85 -12.08 5.34
CA LEU D 32 -11.01 -11.34 6.25
C LEU D 32 -9.99 -12.33 6.84
N HIS D 33 -8.71 -12.24 6.41
CA HIS D 33 -7.72 -13.19 6.86
C HIS D 33 -6.42 -12.43 7.13
N SER D 34 -5.55 -13.07 7.97
CA SER D 34 -4.39 -12.37 8.56
C SER D 34 -3.54 -11.64 7.53
N ASP D 35 -3.28 -12.26 6.38
CA ASP D 35 -2.23 -11.75 5.50
C ASP D 35 -2.62 -10.37 4.96
N ILE D 36 -3.91 -10.01 5.01
CA ILE D 36 -4.33 -8.76 4.38
C ILE D 36 -4.83 -7.77 5.43
N LEU D 37 -4.66 -8.05 6.72
CA LEU D 37 -5.11 -7.15 7.78
C LEU D 37 -3.96 -6.24 8.21
N GLN D 38 -4.30 -4.98 8.47
CA GLN D 38 -3.28 -4.07 8.98
C GLN D 38 -3.90 -3.10 9.96
N TYR D 39 -3.32 -3.00 11.16
CA TYR D 39 -3.79 -2.09 12.21
C TYR D 39 -3.61 -0.64 11.75
N ASP D 40 -4.66 0.17 12.00
CA ASP D 40 -4.61 1.58 11.62
C ASP D 40 -5.14 2.35 12.81
N ALA D 41 -4.26 3.18 13.40
CA ALA D 41 -4.59 3.99 14.56
C ALA D 41 -5.59 5.11 14.27
N SER D 42 -5.84 5.36 12.98
CA SER D 42 -6.84 6.37 12.64
C SER D 42 -8.27 5.90 12.86
N LEU D 43 -8.45 4.58 13.01
CA LEU D 43 -9.78 3.98 13.13
C LEU D 43 -10.30 4.13 14.54
N THR D 44 -10.92 5.31 14.74
CA THR D 44 -11.45 5.69 16.02
C THR D 44 -12.87 5.18 16.15
N PRO D 45 -13.48 5.16 17.36
CA PRO D 45 -14.81 4.57 17.54
C PRO D 45 -15.89 5.35 16.80
N LEU D 46 -16.79 4.61 16.11
CA LEU D 46 -17.98 5.27 15.55
C LEU D 46 -18.96 5.58 16.67
N GLU D 47 -19.75 6.63 16.38
CA GLU D 47 -20.86 6.95 17.24
C GLU D 47 -22.20 6.77 16.51
N PHE D 48 -23.11 6.10 17.21
CA PHE D 48 -24.43 5.73 16.65
C PHE D 48 -25.48 6.69 17.19
N GLN D 49 -25.99 7.58 16.33
CA GLN D 49 -26.91 8.64 16.73
C GLN D 49 -28.30 8.36 16.20
N GLY D 50 -29.29 8.49 17.09
CA GLY D 50 -30.68 8.33 16.71
C GLY D 50 -31.00 6.90 16.29
N TYR D 51 -30.23 5.95 16.81
CA TYR D 51 -30.55 4.53 16.57
C TYR D 51 -31.72 4.07 17.41
N ASN D 52 -32.06 4.84 18.48
CA ASN D 52 -33.07 4.34 19.38
C ASN D 52 -34.43 4.78 18.89
N LEU D 53 -35.08 3.96 18.04
CA LEU D 53 -36.30 4.39 17.38
C LEU D 53 -37.50 4.25 18.33
N SER D 54 -38.44 5.20 18.28
CA SER D 54 -39.60 5.16 19.16
C SER D 54 -40.48 3.95 18.87
N ALA D 55 -40.85 3.29 19.94
CA ALA D 55 -41.81 2.19 19.85
C ALA D 55 -43.21 2.67 19.45
N ASN D 56 -43.52 3.97 19.49
CA ASN D 56 -44.79 4.51 19.02
C ASN D 56 -44.78 4.97 17.57
N LYS D 57 -43.60 4.85 16.94
CA LYS D 57 -43.46 5.07 15.52
C LYS D 57 -43.37 3.70 14.85
N GLN D 58 -43.58 3.71 13.53
CA GLN D 58 -43.52 2.45 12.82
C GLN D 58 -42.71 2.67 11.55
N PHE D 59 -42.03 1.58 11.17
CA PHE D 59 -41.03 1.53 10.12
C PHE D 59 -41.38 0.41 9.14
N LEU D 60 -41.24 0.74 7.87
CA LEU D 60 -41.71 -0.18 6.81
C LEU D 60 -40.74 -1.31 6.56
N LEU D 61 -41.24 -2.53 6.67
CA LEU D 61 -40.54 -3.74 6.28
C LEU D 61 -41.06 -4.16 4.91
N THR D 62 -40.13 -4.53 4.02
CA THR D 62 -40.53 -4.88 2.65
C THR D 62 -39.72 -6.08 2.18
N ASN D 63 -40.38 -6.98 1.48
CA ASN D 63 -39.70 -8.02 0.72
C ASN D 63 -39.48 -7.48 -0.69
N ASN D 64 -38.20 -7.26 -1.06
CA ASN D 64 -37.95 -6.62 -2.35
C ASN D 64 -37.58 -7.63 -3.44
N GLY D 65 -37.78 -8.91 -3.10
CA GLY D 65 -37.46 -9.96 -4.06
C GLY D 65 -36.04 -10.52 -3.89
N HIS D 66 -35.21 -9.88 -3.06
CA HIS D 66 -33.81 -10.26 -2.87
C HIS D 66 -33.42 -10.42 -1.41
N SER D 67 -34.05 -9.66 -0.52
CA SER D 67 -33.88 -9.77 0.93
C SER D 67 -35.16 -9.24 1.58
N VAL D 68 -35.11 -9.16 2.90
CA VAL D 68 -36.12 -8.43 3.65
C VAL D 68 -35.41 -7.15 4.11
N LYS D 69 -36.07 -6.01 3.92
CA LYS D 69 -35.46 -4.72 4.22
C LYS D 69 -36.35 -3.92 5.16
N LEU D 70 -35.77 -3.27 6.16
CA LEU D 70 -36.47 -2.36 7.03
C LEU D 70 -35.99 -0.96 6.72
N ASN D 71 -36.94 -0.09 6.36
CA ASN D 71 -36.60 1.31 6.14
C ASN D 71 -36.27 2.05 7.42
N LEU D 72 -35.28 2.91 7.34
CA LEU D 72 -34.82 3.61 8.53
C LEU D 72 -34.87 5.11 8.31
N PRO D 73 -35.04 5.90 9.38
CA PRO D 73 -35.21 7.37 9.20
C PRO D 73 -33.88 8.08 9.04
N SER D 74 -33.87 9.18 8.28
CA SER D 74 -32.62 9.88 7.98
C SER D 74 -32.05 10.62 9.18
N ASP D 75 -32.83 10.77 10.26
CA ASP D 75 -32.29 11.37 11.46
C ASP D 75 -31.29 10.41 12.13
N MET D 76 -31.41 9.11 11.84
CA MET D 76 -30.49 8.13 12.42
C MET D 76 -29.20 8.21 11.61
N HIS D 77 -28.03 8.27 12.29
CA HIS D 77 -26.83 8.51 11.53
C HIS D 77 -25.60 7.97 12.26
N ILE D 78 -24.51 7.91 11.52
CA ILE D 78 -23.22 7.61 12.11
C ILE D 78 -22.37 8.89 12.10
N GLN D 79 -21.61 9.04 13.19
CA GLN D 79 -20.55 10.05 13.29
C GLN D 79 -19.18 9.35 13.39
N GLY D 80 -18.15 9.92 12.76
CA GLY D 80 -16.83 9.37 12.90
C GLY D 80 -16.08 9.30 11.59
N LEU D 81 -16.79 9.22 10.45
CA LEU D 81 -16.18 9.04 9.15
C LEU D 81 -15.86 10.42 8.53
N GLN D 82 -15.43 10.46 7.24
CA GLN D 82 -15.00 11.75 6.65
C GLN D 82 -16.20 12.69 6.45
N SER D 83 -17.45 12.19 6.54
CA SER D 83 -18.71 12.91 6.31
C SER D 83 -19.78 12.30 7.23
N ARG D 84 -20.91 12.97 7.48
CA ARG D 84 -22.08 12.35 8.12
C ARG D 84 -22.75 11.35 7.16
N TYR D 85 -22.99 10.14 7.65
CA TYR D 85 -23.73 9.16 6.87
C TYR D 85 -25.03 8.87 7.61
N SER D 86 -26.15 9.09 6.90
CA SER D 86 -27.47 8.92 7.45
C SER D 86 -28.06 7.55 7.04
N ALA D 87 -28.77 6.93 7.99
CA ALA D 87 -29.38 5.62 7.71
C ALA D 87 -30.41 5.69 6.59
N THR D 88 -30.52 4.59 5.84
CA THR D 88 -31.56 4.41 4.83
C THR D 88 -32.33 3.10 5.06
N GLN D 89 -31.63 1.98 5.29
CA GLN D 89 -32.38 0.72 5.45
C GLN D 89 -31.41 -0.28 6.06
N LEU D 90 -31.96 -1.35 6.65
CA LEU D 90 -31.13 -2.51 6.95
C LEU D 90 -31.77 -3.78 6.33
N HIS D 91 -30.94 -4.80 6.15
CA HIS D 91 -31.42 -6.04 5.58
C HIS D 91 -30.46 -7.14 6.00
N LEU D 92 -30.79 -8.37 5.54
CA LEU D 92 -29.98 -9.52 5.92
C LEU D 92 -29.60 -10.40 4.72
N HIS D 93 -28.62 -11.26 4.94
CA HIS D 93 -28.22 -12.32 4.00
C HIS D 93 -28.11 -13.60 4.77
N TRP D 94 -28.48 -14.72 4.14
CA TRP D 94 -28.52 -16.00 4.85
C TRP D 94 -28.39 -17.14 3.83
N GLY D 95 -28.35 -18.35 4.40
CA GLY D 95 -28.13 -19.56 3.63
C GLY D 95 -29.44 -20.32 3.45
N ASN D 96 -29.47 -21.56 3.95
CA ASN D 96 -30.67 -22.34 3.76
C ASN D 96 -30.70 -23.40 4.85
N PRO D 97 -31.82 -24.13 5.02
CA PRO D 97 -31.92 -25.03 6.16
C PRO D 97 -30.87 -26.14 6.20
N ASN D 98 -30.38 -26.58 5.05
CA ASN D 98 -29.40 -27.65 4.95
C ASN D 98 -28.00 -27.07 5.10
N ASP D 99 -27.85 -25.74 4.91
CA ASP D 99 -26.51 -25.15 4.96
C ASP D 99 -26.66 -23.74 5.54
N PRO D 100 -26.77 -23.61 6.87
CA PRO D 100 -27.05 -22.32 7.52
C PRO D 100 -25.72 -21.58 7.71
N HIS D 101 -25.07 -21.23 6.58
CA HIS D 101 -23.76 -20.61 6.55
C HIS D 101 -23.71 -19.62 5.40
N GLY D 102 -24.52 -18.58 5.55
CA GLY D 102 -24.82 -17.63 4.47
C GLY D 102 -24.37 -16.20 4.76
N SER D 103 -23.40 -16.00 5.66
CA SER D 103 -22.80 -14.65 5.71
C SER D 103 -22.12 -14.31 4.36
N GLU D 104 -22.01 -13.03 4.08
CA GLU D 104 -21.26 -12.57 2.89
C GLU D 104 -19.78 -12.48 3.15
N HIS D 105 -19.40 -11.68 4.15
CA HIS D 105 -17.99 -11.70 4.56
C HIS D 105 -17.72 -13.02 5.25
N THR D 106 -16.48 -13.49 5.05
CA THR D 106 -15.99 -14.68 5.77
C THR D 106 -14.79 -14.30 6.61
N VAL D 107 -14.48 -15.11 7.64
CA VAL D 107 -13.32 -14.83 8.50
C VAL D 107 -12.44 -16.08 8.42
N SER D 108 -11.19 -15.90 7.97
CA SER D 108 -10.23 -17.00 7.85
C SER D 108 -10.88 -18.17 7.08
N GLY D 109 -11.61 -17.82 6.03
CA GLY D 109 -12.24 -18.79 5.15
C GLY D 109 -13.59 -19.39 5.60
N GLN D 110 -14.13 -18.95 6.74
N GLN D 110 -14.14 -18.92 6.71
CA GLN D 110 -15.32 -19.53 7.34
CA GLN D 110 -15.32 -19.51 7.32
C GLN D 110 -16.50 -18.56 7.21
C GLN D 110 -16.49 -18.55 7.20
N HIS D 111 -17.61 -19.07 6.69
CA HIS D 111 -18.87 -18.35 6.77
C HIS D 111 -19.45 -18.37 8.18
N PHE D 112 -20.07 -17.26 8.57
CA PHE D 112 -21.02 -17.27 9.67
C PHE D 112 -22.41 -17.63 9.13
N ALA D 113 -23.38 -17.80 10.03
CA ALA D 113 -24.70 -18.26 9.66
C ALA D 113 -25.39 -17.24 8.76
N ALA D 114 -25.27 -15.95 9.13
CA ALA D 114 -26.01 -14.92 8.40
C ALA D 114 -25.25 -13.60 8.61
N GLU D 115 -25.76 -12.51 7.99
CA GLU D 115 -25.09 -11.20 8.14
C GLU D 115 -26.15 -10.10 8.01
N LEU D 116 -26.07 -9.13 8.94
CA LEU D 116 -26.92 -7.92 8.89
C LEU D 116 -26.14 -6.78 8.30
N HIS D 117 -26.78 -6.03 7.36
CA HIS D 117 -26.17 -4.80 6.82
C HIS D 117 -27.08 -3.62 7.15
N ILE D 118 -26.49 -2.63 7.80
CA ILE D 118 -27.20 -1.37 8.05
C ILE D 118 -26.61 -0.33 7.11
N VAL D 119 -27.40 0.06 6.11
CA VAL D 119 -26.95 0.90 5.01
C VAL D 119 -27.23 2.37 5.32
N HIS D 120 -26.17 3.18 5.11
CA HIS D 120 -26.25 4.64 5.26
C HIS D 120 -25.70 5.30 4.00
N TYR D 121 -26.14 6.57 3.79
CA TYR D 121 -25.68 7.34 2.63
C TYR D 121 -25.08 8.68 3.07
N ASN D 122 -24.24 9.19 2.19
CA ASN D 122 -23.50 10.43 2.44
C ASN D 122 -24.46 11.62 2.31
N SER D 123 -25.06 12.00 3.41
CA SER D 123 -26.03 13.12 3.43
C SER D 123 -25.35 14.48 3.37
N ASP D 124 -24.03 14.57 3.56
CA ASP D 124 -23.36 15.86 3.33
C ASP D 124 -23.24 16.17 1.83
N LEU D 125 -23.19 15.17 1.01
CA LEU D 125 -22.89 15.34 -0.41
C LEU D 125 -24.17 15.13 -1.21
N TYR D 126 -25.11 14.29 -0.72
CA TYR D 126 -26.20 13.78 -1.55
C TYR D 126 -27.54 13.89 -0.85
N PRO D 127 -28.61 14.14 -1.66
CA PRO D 127 -29.90 14.44 -1.04
C PRO D 127 -30.68 13.23 -0.58
N ASP D 128 -30.28 12.04 -1.03
CA ASP D 128 -30.99 10.82 -0.74
C ASP D 128 -30.14 9.63 -1.14
N ALA D 129 -30.50 8.43 -0.68
CA ALA D 129 -29.66 7.26 -0.84
C ALA D 129 -29.54 6.82 -2.32
N SER D 130 -30.67 6.93 -3.04
CA SER D 130 -30.65 6.58 -4.46
C SER D 130 -29.62 7.43 -5.22
N THR D 131 -29.68 8.74 -5.02
CA THR D 131 -28.71 9.64 -5.62
C THR D 131 -27.26 9.26 -5.26
N ALA D 132 -27.08 8.96 -3.98
CA ALA D 132 -25.76 8.69 -3.45
C ALA D 132 -25.16 7.38 -3.95
N SER D 133 -26.04 6.43 -4.32
CA SER D 133 -25.60 5.05 -4.42
C SER D 133 -24.55 4.81 -5.51
N ASN D 134 -24.58 5.58 -6.64
CA ASN D 134 -23.62 5.40 -7.71
C ASN D 134 -22.58 6.52 -7.77
N LYS D 135 -22.39 7.19 -6.64
CA LYS D 135 -21.50 8.36 -6.64
C LYS D 135 -20.43 8.23 -5.57
N SER D 136 -19.35 8.98 -5.83
CA SER D 136 -18.16 8.94 -5.01
C SER D 136 -18.50 9.16 -3.54
N GLU D 137 -17.91 8.31 -2.68
CA GLU D 137 -18.12 8.37 -1.25
C GLU D 137 -19.61 8.26 -0.83
N GLY D 138 -20.40 7.59 -1.66
CA GLY D 138 -21.82 7.67 -1.48
C GLY D 138 -22.40 6.92 -0.27
N LEU D 139 -21.82 5.75 0.08
CA LEU D 139 -22.51 4.89 1.05
C LEU D 139 -21.54 4.38 2.11
N ALA D 140 -22.07 4.09 3.30
CA ALA D 140 -21.30 3.42 4.34
C ALA D 140 -22.22 2.32 4.87
N VAL D 141 -21.69 1.10 4.96
CA VAL D 141 -22.49 0.01 5.48
C VAL D 141 -21.85 -0.55 6.74
N LEU D 142 -22.67 -0.80 7.75
CA LEU D 142 -22.20 -1.52 8.92
C LEU D 142 -22.60 -2.99 8.75
N ALA D 143 -21.64 -3.91 8.96
CA ALA D 143 -21.94 -5.33 8.84
C ALA D 143 -21.77 -6.03 10.19
N VAL D 144 -22.81 -6.76 10.56
CA VAL D 144 -22.74 -7.58 11.78
C VAL D 144 -22.82 -9.05 11.33
N LEU D 145 -21.80 -9.81 11.72
CA LEU D 145 -21.75 -11.26 11.50
C LEU D 145 -22.65 -11.95 12.51
N ILE D 146 -23.44 -12.92 12.05
CA ILE D 146 -24.43 -13.60 12.85
C ILE D 146 -24.10 -15.07 12.95
N GLU D 147 -23.90 -15.58 14.17
N GLU D 147 -23.99 -15.56 14.19
CA GLU D 147 -23.63 -17.01 14.35
CA GLU D 147 -23.67 -16.94 14.48
C GLU D 147 -24.81 -17.66 15.04
C GLU D 147 -24.90 -17.65 15.02
N MET D 148 -25.00 -18.95 14.76
CA MET D 148 -26.03 -19.75 15.42
C MET D 148 -25.67 -19.91 16.90
N GLY D 149 -26.61 -19.50 17.75
CA GLY D 149 -26.39 -19.51 19.19
C GLY D 149 -27.71 -19.38 19.95
N SER D 150 -27.71 -18.47 20.93
CA SER D 150 -28.87 -18.21 21.78
C SER D 150 -29.91 -17.39 21.02
N PHE D 151 -31.18 -17.62 21.40
CA PHE D 151 -32.28 -16.78 20.94
C PHE D 151 -31.96 -15.33 21.21
N ASN D 152 -32.31 -14.50 20.20
CA ASN D 152 -32.00 -13.11 20.28
C ASN D 152 -33.31 -12.32 20.21
N PRO D 153 -33.80 -11.78 21.35
CA PRO D 153 -35.06 -11.06 21.36
C PRO D 153 -35.05 -9.80 20.50
N SER D 154 -33.89 -9.20 20.33
CA SER D 154 -33.83 -7.94 19.58
C SER D 154 -33.97 -8.26 18.08
N TYR D 155 -33.23 -9.27 17.57
CA TYR D 155 -33.46 -9.64 16.16
C TYR D 155 -34.88 -10.15 15.95
N ASP D 156 -35.53 -10.73 16.98
CA ASP D 156 -36.89 -11.21 16.81
C ASP D 156 -37.88 -10.05 16.60
N LYS D 157 -37.47 -8.80 16.92
CA LYS D 157 -38.36 -7.67 16.69
C LYS D 157 -38.51 -7.45 15.19
N ILE D 158 -37.59 -7.97 14.38
CA ILE D 158 -37.71 -7.99 12.93
C ILE D 158 -38.37 -9.32 12.55
N PHE D 159 -37.83 -10.45 13.06
CA PHE D 159 -38.18 -11.75 12.51
C PHE D 159 -39.65 -12.12 12.77
N SER D 160 -40.23 -11.60 13.84
CA SER D 160 -41.63 -11.93 14.09
C SER D 160 -42.60 -11.40 13.04
N HIS D 161 -42.18 -10.50 12.15
CA HIS D 161 -43.01 -9.92 11.11
C HIS D 161 -42.84 -10.60 9.77
N LEU D 162 -41.96 -11.62 9.68
CA LEU D 162 -41.56 -12.15 8.37
C LEU D 162 -42.77 -12.72 7.64
N GLN D 163 -43.72 -13.31 8.38
CA GLN D 163 -44.90 -13.92 7.76
C GLN D 163 -45.76 -12.89 7.03
N HIS D 164 -45.59 -11.60 7.30
CA HIS D 164 -46.42 -10.61 6.63
C HIS D 164 -45.76 -10.03 5.38
N VAL D 165 -44.52 -10.49 5.07
CA VAL D 165 -43.80 -10.01 3.90
C VAL D 165 -43.27 -11.22 3.12
N LYS D 166 -44.06 -12.27 3.05
CA LYS D 166 -43.61 -13.53 2.48
C LYS D 166 -43.22 -13.35 0.99
N TYR D 167 -43.94 -12.53 0.21
CA TYR D 167 -43.74 -12.49 -1.24
C TYR D 167 -43.24 -11.13 -1.69
N LYS D 168 -42.60 -11.14 -2.87
CA LYS D 168 -42.02 -9.92 -3.41
C LYS D 168 -43.10 -8.85 -3.47
N GLY D 169 -42.77 -7.69 -2.94
CA GLY D 169 -43.65 -6.55 -3.05
C GLY D 169 -44.53 -6.32 -1.81
N GLN D 170 -44.62 -7.30 -0.92
CA GLN D 170 -45.36 -7.18 0.32
C GLN D 170 -44.60 -6.29 1.29
N GLU D 171 -45.38 -5.56 2.09
CA GLU D 171 -44.91 -4.59 3.08
C GLU D 171 -45.68 -4.78 4.38
N ALA D 172 -45.00 -4.52 5.49
CA ALA D 172 -45.60 -4.57 6.80
C ALA D 172 -44.93 -3.48 7.64
N PHE D 173 -45.58 -3.10 8.75
CA PHE D 173 -45.01 -2.07 9.60
C PHE D 173 -44.50 -2.73 10.87
N VAL D 174 -43.31 -2.29 11.24
CA VAL D 174 -42.62 -2.76 12.43
C VAL D 174 -42.58 -1.60 13.42
N PRO D 175 -42.98 -1.79 14.72
CA PRO D 175 -42.75 -0.75 15.72
C PRO D 175 -41.26 -0.49 15.91
N GLY D 176 -40.92 0.78 16.12
CA GLY D 176 -39.55 1.14 16.41
C GLY D 176 -38.98 0.40 17.63
N PHE D 177 -37.68 0.22 17.53
CA PHE D 177 -36.88 -0.32 18.63
C PHE D 177 -35.47 0.22 18.49
N ASN D 178 -34.64 -0.11 19.48
CA ASN D 178 -33.32 0.46 19.50
C ASN D 178 -32.46 -0.45 18.61
N ILE D 179 -32.08 0.09 17.47
CA ILE D 179 -31.29 -0.66 16.50
C ILE D 179 -29.89 -0.99 17.03
N GLU D 180 -29.42 -0.25 18.04
N GLU D 180 -29.41 -0.24 18.04
CA GLU D 180 -28.13 -0.59 18.61
CA GLU D 180 -28.15 -0.55 18.69
C GLU D 180 -28.17 -1.96 19.29
C GLU D 180 -28.17 -1.95 19.29
N GLU D 181 -29.37 -2.45 19.62
CA GLU D 181 -29.46 -3.79 20.17
C GLU D 181 -29.05 -4.86 19.16
N LEU D 182 -29.02 -4.53 17.86
CA LEU D 182 -28.58 -5.51 16.88
C LEU D 182 -27.06 -5.56 16.75
N LEU D 183 -26.33 -4.60 17.31
CA LEU D 183 -24.88 -4.54 17.17
C LEU D 183 -24.23 -5.43 18.22
N PRO D 184 -23.02 -5.91 17.94
CA PRO D 184 -22.28 -6.80 18.85
C PRO D 184 -21.59 -6.03 19.96
N GLU D 185 -20.96 -6.83 20.84
N GLU D 185 -20.92 -6.84 20.81
CA GLU D 185 -20.09 -6.26 21.88
CA GLU D 185 -20.04 -6.30 21.83
C GLU D 185 -18.88 -5.61 21.23
C GLU D 185 -18.86 -5.59 21.19
N ARG D 186 -18.40 -4.54 21.88
CA ARG D 186 -17.13 -3.92 21.56
C ARG D 186 -17.08 -3.46 20.12
N THR D 187 -18.04 -2.58 19.84
CA THR D 187 -18.13 -2.03 18.50
C THR D 187 -16.92 -1.16 18.08
N ALA D 188 -16.07 -0.76 19.03
CA ALA D 188 -14.87 -0.03 18.69
C ALA D 188 -13.86 -0.91 17.92
N GLU D 189 -14.04 -2.24 17.99
CA GLU D 189 -13.20 -3.18 17.28
C GLU D 189 -13.91 -3.62 15.97
N TYR D 190 -13.26 -3.27 14.89
CA TYR D 190 -13.86 -3.47 13.58
C TYR D 190 -12.80 -3.53 12.50
N TYR D 191 -13.19 -4.11 11.36
CA TYR D 191 -12.51 -4.12 10.11
C TYR D 191 -13.09 -3.04 9.20
N ARG D 192 -12.22 -2.32 8.46
CA ARG D 192 -12.65 -1.24 7.58
C ARG D 192 -11.98 -1.41 6.23
N TYR D 193 -12.78 -1.31 5.14
CA TYR D 193 -12.19 -1.36 3.81
C TYR D 193 -13.08 -0.64 2.81
N ARG D 194 -12.53 -0.41 1.63
CA ARG D 194 -13.26 0.24 0.55
C ARG D 194 -13.75 -0.82 -0.40
N GLY D 195 -15.07 -0.85 -0.58
CA GLY D 195 -15.63 -1.86 -1.45
C GLY D 195 -16.90 -1.39 -2.17
N SER D 196 -17.83 -2.34 -2.33
CA SER D 196 -18.98 -2.13 -3.20
C SER D 196 -20.26 -2.61 -2.54
N LEU D 197 -21.36 -2.29 -3.22
CA LEU D 197 -22.59 -3.02 -2.94
C LEU D 197 -22.36 -4.48 -3.33
N THR D 198 -22.96 -5.39 -2.51
CA THR D 198 -22.82 -6.80 -2.80
C THR D 198 -23.94 -7.36 -3.68
N THR D 199 -24.79 -6.45 -4.16
CA THR D 199 -25.90 -6.79 -5.05
C THR D 199 -25.84 -5.85 -6.24
N PRO D 200 -26.35 -6.27 -7.41
CA PRO D 200 -26.45 -5.33 -8.52
C PRO D 200 -27.07 -4.03 -8.04
N PRO D 201 -26.60 -2.85 -8.48
CA PRO D 201 -25.58 -2.70 -9.53
C PRO D 201 -24.12 -2.78 -9.10
N CYS D 202 -23.85 -3.21 -7.85
CA CYS D 202 -22.47 -3.48 -7.38
C CYS D 202 -21.58 -2.21 -7.39
N ASN D 203 -22.18 -1.04 -7.20
CA ASN D 203 -21.36 0.17 -7.32
C ASN D 203 -20.24 0.14 -6.31
N PRO D 204 -19.02 0.53 -6.71
CA PRO D 204 -17.88 0.55 -5.78
C PRO D 204 -17.82 1.83 -4.91
N THR D 205 -18.90 2.11 -4.17
CA THR D 205 -19.13 3.35 -3.48
C THR D 205 -19.36 3.15 -1.98
N VAL D 206 -18.92 1.97 -1.46
CA VAL D 206 -19.23 1.64 -0.08
C VAL D 206 -17.98 1.64 0.80
N LEU D 207 -18.06 2.41 1.86
CA LEU D 207 -17.09 2.28 2.94
C LEU D 207 -17.66 1.24 3.91
N TRP D 208 -16.95 0.11 3.99
CA TRP D 208 -17.40 -1.00 4.84
C TRP D 208 -16.84 -0.95 6.24
N THR D 209 -17.69 -1.24 7.22
CA THR D 209 -17.27 -1.44 8.61
C THR D 209 -17.84 -2.79 9.00
N VAL D 210 -16.98 -3.79 9.20
CA VAL D 210 -17.40 -5.11 9.68
C VAL D 210 -17.00 -5.27 11.15
N PHE D 211 -17.95 -5.41 12.07
CA PHE D 211 -17.57 -5.50 13.47
C PHE D 211 -16.81 -6.80 13.70
N ARG D 212 -15.82 -6.75 14.61
CA ARG D 212 -15.00 -7.93 14.87
C ARG D 212 -15.82 -9.05 15.50
N ASN D 213 -16.70 -8.68 16.41
CA ASN D 213 -17.42 -9.70 17.15
C ASN D 213 -18.78 -10.00 16.53
N PRO D 214 -19.21 -11.28 16.44
CA PRO D 214 -20.55 -11.62 15.96
C PRO D 214 -21.59 -11.44 17.04
N VAL D 215 -22.87 -11.48 16.63
CA VAL D 215 -23.99 -11.67 17.53
C VAL D 215 -24.48 -13.09 17.30
N GLN D 216 -25.40 -13.54 18.14
CA GLN D 216 -25.99 -14.86 18.04
C GLN D 216 -27.48 -14.73 17.84
N ILE D 217 -28.06 -15.58 17.02
CA ILE D 217 -29.50 -15.84 16.92
C ILE D 217 -29.69 -17.35 16.98
N SER D 218 -30.90 -17.83 17.30
CA SER D 218 -31.01 -19.28 17.50
C SER D 218 -31.17 -20.05 16.21
N GLN D 219 -31.00 -21.37 16.28
CA GLN D 219 -31.33 -22.24 15.18
C GLN D 219 -32.77 -22.03 14.71
N GLU D 220 -33.70 -21.88 15.65
CA GLU D 220 -35.08 -21.72 15.25
C GLU D 220 -35.29 -20.38 14.55
N GLN D 221 -34.56 -19.30 14.96
CA GLN D 221 -34.72 -18.02 14.27
C GLN D 221 -34.10 -18.14 12.89
N LEU D 222 -32.95 -18.82 12.76
CA LEU D 222 -32.36 -19.01 11.44
C LEU D 222 -33.29 -19.80 10.54
N LEU D 223 -33.91 -20.89 11.05
CA LEU D 223 -34.74 -21.70 10.20
C LEU D 223 -35.96 -20.89 9.78
N ALA D 224 -36.51 -20.05 10.67
CA ALA D 224 -37.63 -19.21 10.28
C ALA D 224 -37.22 -18.23 9.19
N LEU D 225 -36.07 -17.55 9.33
CA LEU D 225 -35.58 -16.63 8.30
C LEU D 225 -35.37 -17.36 6.97
N GLU D 226 -34.84 -18.58 7.00
CA GLU D 226 -34.48 -19.31 5.79
C GLU D 226 -35.68 -19.92 5.10
N THR D 227 -36.84 -20.00 5.75
CA THR D 227 -38.01 -20.65 5.16
C THR D 227 -39.17 -19.66 5.03
N ALA D 228 -39.06 -18.41 5.46
CA ALA D 228 -40.23 -17.53 5.51
C ALA D 228 -40.51 -16.90 4.16
N LEU D 229 -39.51 -16.66 3.34
CA LEU D 229 -39.64 -15.69 2.27
C LEU D 229 -39.45 -16.32 0.89
N TYR D 230 -40.14 -15.69 -0.06
CA TYR D 230 -39.99 -15.96 -1.49
C TYR D 230 -39.48 -14.75 -2.26
N CYS D 231 -38.70 -15.03 -3.31
CA CYS D 231 -38.18 -13.98 -4.17
C CYS D 231 -39.19 -13.47 -5.19
N THR D 232 -40.24 -14.28 -5.37
CA THR D 232 -41.26 -14.08 -6.41
C THR D 232 -42.54 -13.47 -5.85
N HIS D 233 -43.33 -12.82 -6.72
CA HIS D 233 -44.63 -12.34 -6.38
C HIS D 233 -45.52 -13.54 -6.07
N MET D 234 -46.52 -13.24 -5.25
CA MET D 234 -47.44 -14.25 -4.75
C MET D 234 -48.10 -15.07 -5.87
N ASP D 235 -48.35 -14.41 -7.01
CA ASP D 235 -49.07 -15.09 -8.09
C ASP D 235 -48.12 -15.68 -9.15
N ASP D 236 -46.80 -15.74 -8.91
CA ASP D 236 -45.90 -16.30 -9.89
C ASP D 236 -46.11 -17.80 -10.00
N PRO D 237 -46.29 -18.37 -11.22
CA PRO D 237 -46.42 -19.82 -11.37
C PRO D 237 -45.14 -20.61 -11.14
N SER D 238 -44.01 -19.88 -11.02
CA SER D 238 -42.71 -20.51 -10.79
C SER D 238 -42.12 -19.87 -9.53
N PRO D 239 -42.62 -20.23 -8.34
CA PRO D 239 -42.12 -19.65 -7.09
C PRO D 239 -40.65 -19.98 -6.84
N ARG D 240 -39.93 -19.03 -6.23
CA ARG D 240 -38.53 -19.26 -5.89
C ARG D 240 -38.33 -18.87 -4.43
N GLU D 241 -37.92 -19.83 -3.58
CA GLU D 241 -37.55 -19.50 -2.19
C GLU D 241 -36.39 -18.52 -2.09
N MET D 242 -36.52 -17.62 -1.10
CA MET D 242 -35.45 -16.66 -0.87
C MET D 242 -34.43 -17.27 0.10
N ILE D 243 -33.44 -17.99 -0.47
CA ILE D 243 -32.41 -18.70 0.26
C ILE D 243 -31.08 -18.37 -0.41
N ASN D 244 -30.00 -18.59 0.34
CA ASN D 244 -28.66 -18.46 -0.21
C ASN D 244 -28.47 -17.12 -0.91
N ASN D 245 -28.94 -16.04 -0.30
CA ASN D 245 -28.89 -14.71 -0.89
C ASN D 245 -27.62 -13.98 -0.46
N PHE D 246 -26.48 -14.65 -0.62
CA PHE D 246 -25.19 -14.03 -0.32
C PHE D 246 -24.35 -14.20 -1.58
N ARG D 247 -23.48 -13.24 -1.80
CA ARG D 247 -22.51 -13.28 -2.89
C ARG D 247 -21.23 -13.99 -2.42
N GLN D 248 -20.57 -14.73 -3.30
CA GLN D 248 -19.23 -15.26 -2.99
C GLN D 248 -18.26 -14.12 -2.76
N VAL D 249 -17.24 -14.45 -1.98
CA VAL D 249 -16.17 -13.47 -1.77
C VAL D 249 -15.39 -13.19 -3.05
N GLN D 250 -14.83 -11.96 -3.06
CA GLN D 250 -14.19 -11.36 -4.24
C GLN D 250 -12.67 -11.31 -4.13
N LYS D 251 -12.04 -11.23 -5.30
CA LYS D 251 -10.61 -10.90 -5.28
C LYS D 251 -10.32 -9.55 -4.59
N PHE D 252 -9.18 -9.50 -3.88
CA PHE D 252 -8.79 -8.26 -3.22
C PHE D 252 -8.40 -7.08 -4.11
N ASP D 253 -7.90 -7.31 -5.33
CA ASP D 253 -7.52 -6.16 -6.18
C ASP D 253 -6.49 -5.26 -5.47
N GLU D 254 -5.56 -5.84 -4.69
CA GLU D 254 -4.47 -5.10 -4.03
C GLU D 254 -4.88 -4.40 -2.73
N ARG D 255 -6.16 -4.42 -2.34
CA ARG D 255 -6.67 -3.77 -1.15
C ARG D 255 -6.11 -4.46 0.11
N LEU D 256 -5.91 -3.66 1.17
CA LEU D 256 -5.81 -4.18 2.52
C LEU D 256 -7.10 -3.92 3.26
N VAL D 257 -7.28 -4.63 4.38
CA VAL D 257 -8.35 -4.40 5.32
C VAL D 257 -7.74 -3.84 6.59
N TYR D 258 -8.16 -2.67 6.99
CA TYR D 258 -7.58 -1.96 8.13
C TYR D 258 -8.36 -2.30 9.37
N THR D 259 -7.68 -2.54 10.50
CA THR D 259 -8.35 -2.92 11.71
C THR D 259 -8.15 -1.87 12.80
N SER D 260 -9.11 -1.79 13.70
CA SER D 260 -9.01 -0.88 14.83
C SER D 260 -8.41 -1.58 16.04
N PHE D 261 -8.01 -2.83 15.86
CA PHE D 261 -7.51 -3.67 16.94
C PHE D 261 -6.28 -4.40 16.41
N SER D 262 -5.45 -4.91 17.34
CA SER D 262 -4.26 -5.68 17.01
C SER D 262 -4.47 -7.15 17.34
N GLN D 263 -5.03 -7.38 18.53
CA GLN D 263 -5.02 -8.63 19.28
C GLN D 263 -3.72 -9.43 19.03
ZN ZN E . 24.44 8.09 -6.56
C5 84I F . 24.92 10.29 -10.56
C6 84I F . 25.04 9.71 -11.87
C2 84I F . 23.46 8.05 -11.28
C3 84I F . 23.31 8.59 -10.04
C4 84I F . 24.04 9.66 -9.69
O13 84I F . 26.26 12.17 -10.90
C12 84I F . 25.64 11.49 -10.08
O14 84I F . 25.55 11.93 -8.75
C15 84I F . 25.78 13.28 -8.35
CL1 84I F . 26.04 10.39 -13.14
C1 84I F . 24.31 8.61 -12.18
S7 84I F . 22.36 7.78 -8.78
O9 84I F . 20.82 7.83 -9.02
N10 84I F . 22.82 8.63 -7.37
O8 84I F . 22.86 6.26 -8.54
S16 84I F . 22.67 6.58 -11.83
C17 84I F . 22.72 6.64 -13.69
C18 84I F . 21.80 5.57 -14.28
C19 84I F . 21.77 5.74 -15.78
C24 84I F . 22.57 4.96 -16.64
C23 84I F . 22.51 5.20 -18.03
C22 84I F . 21.71 6.23 -18.57
C21 84I F . 20.92 7.02 -17.72
C20 84I F . 20.99 6.78 -16.33
ZN ZN G . 4.13 26.94 9.61
C5 84I H . 0.89 28.14 6.56
C6 84I H . 0.22 29.43 6.45
C2 84I H . 2.31 30.51 6.96
C3 84I H . 2.99 29.29 7.00
C4 84I H . 2.32 28.17 6.80
O13 84I H . -0.83 26.68 5.81
C12 84I H . 0.27 26.76 6.35
O14 84I H . 0.84 25.52 6.70
C15 84I H . 0.52 24.19 6.13
CL1 84I H . -1.47 29.63 6.03
C1 84I H . 0.97 30.57 6.65
S7 84I H . 4.67 29.16 7.55
O9 84I H . 5.77 29.62 6.64
N10 84I H . 4.76 27.50 7.96
O8 84I H . 4.86 29.89 8.96
S16 84I H . 3.14 32.05 7.20
C17 84I H . 2.01 33.16 6.24
C18 84I H . 2.67 34.52 6.28
C19 84I H . 1.77 35.50 5.59
C24 84I H . 1.78 35.68 4.20
C23 84I H . 0.89 36.55 3.57
C22 84I H . -0.04 37.24 4.36
C21 84I H . -0.08 37.06 5.75
C20 84I H . 0.82 36.18 6.36
C1 EDO I . 17.86 39.95 19.50
O1 EDO I . 18.12 39.69 18.10
C2 EDO I . 16.62 39.33 20.03
O2 EDO I . 16.27 38.01 19.48
C1 EDO J . -9.13 17.05 21.48
O1 EDO J . -7.81 16.95 22.13
C2 EDO J . -10.37 17.20 22.32
O2 EDO J . -10.62 18.44 23.04
ZN ZN K . -6.02 -25.16 -13.88
C5 84I L . -5.62 -22.84 -17.91
C6 84I L . -5.52 -23.36 -19.23
C2 84I L . -6.97 -25.19 -18.63
C3 84I L . -7.17 -24.72 -17.36
C4 84I L . -6.41 -23.61 -17.02
O13 84I L . -4.27 -20.93 -18.20
C12 84I L . -4.90 -21.62 -17.41
O14 84I L . -4.92 -21.22 -16.09
C15 84I L . -4.72 -19.90 -15.60
CL1 84I L . -4.59 -22.57 -20.50
C1 84I L . -6.20 -24.51 -19.56
S7 84I L . -8.05 -25.54 -15.95
O9 84I L . -9.57 -25.67 -16.03
N10 84I L . -7.63 -24.52 -14.61
O8 84I L . -7.45 -27.01 -15.67
S16 84I L . -7.76 -26.62 -19.16
C17 84I L . -7.70 -26.56 -21.02
C18 84I L . -8.57 -27.66 -21.63
C19 84I L . -8.73 -27.35 -23.10
C24 84I L . -9.65 -26.36 -23.56
C23 84I L . -9.77 -26.07 -24.94
C22 84I L . -8.94 -26.75 -25.84
C21 84I L . -8.02 -27.71 -25.39
C20 84I L . -7.89 -28.03 -24.01
C1 EDO M . -13.01 -44.96 -10.30
O1 EDO M . -13.97 -44.05 -10.86
C2 EDO M . -11.59 -44.47 -10.36
O2 EDO M . -11.45 -43.11 -9.91
ZN ZN N . -26.39 -6.51 2.11
C5 84I O . -29.71 -5.54 -0.89
C6 84I O . -30.41 -4.27 -1.04
C2 84I O . -28.37 -3.03 -0.58
C3 84I O . -27.67 -4.25 -0.51
C4 84I O . -28.32 -5.45 -0.66
O13 84I O . -31.36 -6.91 -1.66
C12 84I O . -30.29 -6.90 -1.09
O14 84I O . -29.66 -8.14 -0.79
C15 84I O . -29.97 -9.47 -1.29
CL1 84I O . -32.11 -4.16 -1.45
C1 84I O . -29.72 -3.08 -0.88
S7 84I O . -25.93 -4.36 0.03
O9 84I O . -24.84 -3.92 -0.97
N10 84I O . -25.75 -5.94 0.41
O8 84I O . -25.74 -3.47 1.35
S16 84I O . -27.54 -1.47 -0.35
C17 84I O . -28.58 -0.22 -1.30
C18 84I O . -28.07 1.22 -1.32
C19 84I O . -29.05 2.02 -2.12
C24 84I O . -29.08 1.92 -3.53
C23 84I O . -30.02 2.63 -4.33
C22 84I O . -30.96 3.40 -3.65
C21 84I O . -30.95 3.48 -2.25
C20 84I O . -30.01 2.78 -1.45
C1 EDO P . -14.16 6.06 12.21
O1 EDO P . -14.41 4.70 11.82
C2 EDO P . -12.81 6.48 11.72
O2 EDO P . -12.64 6.40 10.28
#